data_5A7N
#
_entry.id   5A7N
#
_cell.length_a   101.120
_cell.length_b   149.760
_cell.length_c   57.890
_cell.angle_alpha   90.00
_cell.angle_beta   90.00
_cell.angle_gamma   90.00
#
_symmetry.space_group_name_H-M   'P 21 21 2'
#
loop_
_entity.id
_entity.type
_entity.pdbx_description
1 polymer 'LYSINE-SPECIFIC DEMETHYLASE 4A'
2 non-polymer 'MANGANESE (II) ION'
3 non-polymer 'ZINC ION'
4 non-polymer 1,2-ETHANEDIOL
5 non-polymer 'SULFATE ION'
6 non-polymer '2-(5-cyano-2-oxidanyl-phenyl)pyridine-4-carboxylic acid'
7 water water
#
_entity_poly.entity_id   1
_entity_poly.type   'polypeptide(L)'
_entity_poly.pdbx_seq_one_letter_code
;MHHHHHHSSGVDLGTENLYFQSMASESETLNPSARIMTFYPTMEEFRNFSRYIAYIESQGAHRAGLAKVVPPKEWKPRAS
YDDIDDLVIPAPIQQLVTGQSGLFTQYNIQKKAMTVREFRKIANSDKYCTPRYSEFEELERKYWKNLTFNPPIYGADVNG
TLYEKHVDEWNIGRLRTILDLVEKESGITIEGVNTPYLYFGMWKTSFAWHTEDMDLYSINYLHFGEPKSWYSVPPEHGKR
LERLAKGFFPGSAQSCEAFLRHKMTLISPLMLKKYGIPFDKVTQEAGEFMITFPYGYHAGFNHGFNCAESTNFATRRWIE
YGKQAVLCSCRKDMVKISMDVFVRKFQPERYKLWKAGKDNTVIDHTLPTPEAAEFLKESEL
;
_entity_poly.pdbx_strand_id   A,B
#
loop_
_chem_comp.id
_chem_comp.type
_chem_comp.name
_chem_comp.formula
EDO non-polymer 1,2-ETHANEDIOL 'C2 H6 O2'
MN non-polymer 'MANGANESE (II) ION' 'Mn 2'
SO4 non-polymer 'SULFATE ION' 'O4 S -2'
VAO non-polymer '2-(5-cyano-2-oxidanyl-phenyl)pyridine-4-carboxylic acid' 'C13 H8 N2 O3'
ZN non-polymer 'ZINC ION' 'Zn 2'
#
# COMPACT_ATOMS: atom_id res chain seq x y z
N GLU A 26 12.91 -19.96 8.70
CA GLU A 26 11.84 -19.03 9.04
C GLU A 26 11.13 -18.57 7.77
N SER A 27 9.81 -18.46 7.88
CA SER A 27 8.94 -18.02 6.81
C SER A 27 9.38 -16.65 6.31
N GLU A 28 9.59 -15.75 7.27
CA GLU A 28 9.91 -14.36 6.99
C GLU A 28 11.24 -14.16 6.24
N THR A 29 12.17 -15.10 6.42
CA THR A 29 13.50 -14.96 5.80
C THR A 29 13.53 -15.39 4.32
N LEU A 30 12.52 -16.12 3.88
CA LEU A 30 12.44 -16.52 2.47
C LEU A 30 11.50 -15.61 1.67
N ASN A 31 11.94 -15.27 0.45
CA ASN A 31 11.34 -14.25 -0.41
C ASN A 31 10.79 -13.02 0.36
N PRO A 32 11.67 -12.30 1.07
CA PRO A 32 11.23 -11.25 1.99
C PRO A 32 10.58 -10.06 1.27
N SER A 33 10.86 -9.94 -0.03
CA SER A 33 10.30 -8.87 -0.85
C SER A 33 8.98 -9.27 -1.50
N ALA A 34 8.59 -10.53 -1.31
CA ALA A 34 7.32 -11.05 -1.82
C ALA A 34 7.19 -10.85 -3.32
N ARG A 35 8.28 -11.08 -4.04
CA ARG A 35 8.33 -10.88 -5.49
C ARG A 35 7.84 -12.12 -6.22
N ILE A 36 7.27 -11.94 -7.41
CA ILE A 36 6.80 -13.09 -8.19
C ILE A 36 7.99 -13.92 -8.62
N MET A 37 7.98 -15.20 -8.29
CA MET A 37 9.07 -16.11 -8.64
C MET A 37 8.74 -16.98 -9.85
N THR A 38 9.78 -17.47 -10.53
CA THR A 38 9.63 -18.31 -11.72
C THR A 38 10.43 -19.60 -11.53
N PHE A 39 9.82 -20.75 -11.86
CA PHE A 39 10.45 -22.04 -11.58
C PHE A 39 10.57 -22.90 -12.81
N TYR A 40 11.73 -23.55 -12.94
CA TYR A 40 12.01 -24.39 -14.10
C TYR A 40 12.26 -25.81 -13.62
N PRO A 41 11.18 -26.55 -13.34
CA PRO A 41 11.36 -27.88 -12.80
C PRO A 41 11.88 -28.84 -13.85
N THR A 42 12.64 -29.83 -13.42
CA THR A 42 12.99 -30.97 -14.27
C THR A 42 11.78 -31.87 -14.42
N MET A 43 11.84 -32.78 -15.39
CA MET A 43 10.74 -33.71 -15.59
C MET A 43 10.45 -34.54 -14.35
N GLU A 44 11.48 -34.86 -13.57
CA GLU A 44 11.29 -35.67 -12.37
C GLU A 44 10.51 -34.84 -11.34
N GLU A 45 10.92 -33.59 -11.16
CA GLU A 45 10.24 -32.68 -10.24
C GLU A 45 8.79 -32.42 -10.67
N PHE A 46 8.61 -32.23 -11.98
CA PHE A 46 7.32 -31.88 -12.55
C PHE A 46 6.27 -32.97 -12.37
N ARG A 47 6.69 -34.20 -12.08
CA ARG A 47 5.76 -35.34 -12.05
C ARG A 47 4.81 -35.35 -10.85
N ASN A 48 5.28 -34.97 -9.67
CA ASN A 48 4.37 -34.92 -8.51
C ASN A 48 3.88 -33.49 -8.21
N PHE A 49 2.64 -33.23 -8.61
CA PHE A 49 2.08 -31.89 -8.56
C PHE A 49 2.10 -31.27 -7.17
N SER A 50 1.49 -31.95 -6.20
CA SER A 50 1.40 -31.41 -4.86
C SER A 50 2.76 -31.25 -4.19
N ARG A 51 3.70 -32.11 -4.58
CA ARG A 51 5.06 -32.05 -4.05
C ARG A 51 5.71 -30.73 -4.46
N TYR A 52 5.65 -30.44 -5.76
CA TYR A 52 6.26 -29.24 -6.29
C TYR A 52 5.56 -27.96 -5.78
N ILE A 53 4.25 -28.03 -5.56
CA ILE A 53 3.58 -26.88 -4.94
C ILE A 53 4.13 -26.64 -3.55
N ALA A 54 4.25 -27.71 -2.77
CA ALA A 54 4.85 -27.61 -1.43
C ALA A 54 6.29 -27.13 -1.53
N TYR A 55 7.03 -27.61 -2.54
CA TYR A 55 8.40 -27.15 -2.72
C TYR A 55 8.49 -25.66 -3.02
N ILE A 56 7.74 -25.16 -4.02
CA ILE A 56 7.85 -23.74 -4.35
C ILE A 56 7.40 -22.91 -3.14
N GLU A 57 6.44 -23.40 -2.37
CA GLU A 57 6.08 -22.72 -1.14
C GLU A 57 7.28 -22.68 -0.19
N SER A 58 8.07 -23.76 -0.16
CA SER A 58 9.24 -23.83 0.74
C SER A 58 10.28 -22.78 0.40
N GLN A 59 10.24 -22.31 -0.85
CA GLN A 59 11.10 -21.24 -1.33
C GLN A 59 10.46 -19.85 -1.22
N GLY A 60 9.34 -19.74 -0.49
CA GLY A 60 8.66 -18.48 -0.30
C GLY A 60 7.83 -17.92 -1.47
N ALA A 61 7.58 -18.73 -2.50
CA ALA A 61 6.83 -18.28 -3.67
C ALA A 61 5.44 -17.74 -3.31
N HIS A 62 4.77 -18.39 -2.39
CA HIS A 62 3.41 -18.00 -2.05
C HIS A 62 3.29 -16.57 -1.55
N ARG A 63 4.38 -16.01 -1.01
CA ARG A 63 4.33 -14.68 -0.41
C ARG A 63 3.97 -13.63 -1.46
N ALA A 64 4.29 -13.93 -2.72
CA ALA A 64 3.94 -13.03 -3.83
C ALA A 64 2.43 -13.10 -4.18
N GLY A 65 1.78 -14.22 -3.84
CA GLY A 65 0.40 -14.45 -4.26
C GLY A 65 0.32 -15.13 -5.62
N LEU A 66 1.41 -15.03 -6.39
CA LEU A 66 1.40 -15.49 -7.77
C LEU A 66 2.77 -16.05 -8.16
N ALA A 67 2.80 -17.18 -8.86
CA ALA A 67 4.08 -17.76 -9.31
C ALA A 67 3.99 -18.35 -10.72
N LYS A 68 5.09 -18.23 -11.48
CA LYS A 68 5.15 -18.83 -12.82
C LYS A 68 5.92 -20.15 -12.81
N VAL A 69 5.38 -21.17 -13.46
CA VAL A 69 6.08 -22.43 -13.58
C VAL A 69 6.21 -22.83 -15.03
N VAL A 70 7.45 -22.83 -15.53
CA VAL A 70 7.70 -23.26 -16.90
C VAL A 70 7.99 -24.76 -16.93
N PRO A 71 7.13 -25.53 -17.62
CA PRO A 71 7.30 -26.97 -17.65
C PRO A 71 8.44 -27.37 -18.59
N PRO A 72 9.07 -28.53 -18.37
CA PRO A 72 10.13 -29.04 -19.24
C PRO A 72 9.73 -29.04 -20.71
N LYS A 73 10.64 -28.60 -21.59
CA LYS A 73 10.42 -28.57 -23.04
C LYS A 73 9.92 -29.91 -23.56
N GLU A 74 10.36 -30.98 -22.90
CA GLU A 74 9.92 -32.35 -23.19
C GLU A 74 8.40 -32.54 -23.07
N TRP A 75 7.74 -31.62 -22.37
CA TRP A 75 6.36 -31.87 -22.00
C TRP A 75 5.37 -31.11 -22.87
N LYS A 76 4.25 -31.76 -23.16
CA LYS A 76 3.15 -31.17 -23.92
C LYS A 76 1.84 -31.92 -23.57
N PRO A 77 0.77 -31.17 -23.29
CA PRO A 77 -0.52 -31.72 -22.85
C PRO A 77 -1.43 -32.16 -23.99
N ARG A 78 -1.06 -31.76 -25.20
CA ARG A 78 -1.86 -32.06 -26.38
C ARG A 78 -0.91 -32.02 -27.58
N ALA A 79 -1.07 -32.97 -28.49
CA ALA A 79 -0.17 -33.02 -29.64
C ALA A 79 -0.48 -31.89 -30.60
N SER A 80 -1.76 -31.70 -30.90
CA SER A 80 -2.20 -30.71 -31.88
C SER A 80 -3.51 -29.97 -31.54
N TYR A 81 -3.49 -28.65 -31.68
CA TYR A 81 -4.68 -27.82 -31.44
C TYR A 81 -5.43 -27.49 -32.73
N ASP A 82 -5.22 -28.29 -33.77
CA ASP A 82 -5.71 -27.92 -35.09
C ASP A 82 -7.17 -28.27 -35.31
N ASP A 83 -7.76 -28.89 -34.31
CA ASP A 83 -9.09 -29.48 -34.44
C ASP A 83 -10.20 -28.66 -33.76
N ILE A 84 -9.83 -27.59 -33.06
CA ILE A 84 -10.78 -26.97 -32.14
C ILE A 84 -11.64 -25.86 -32.72
N ASP A 85 -11.44 -25.52 -33.99
CA ASP A 85 -12.18 -24.40 -34.59
C ASP A 85 -13.68 -24.66 -34.56
N ASP A 86 -14.05 -25.93 -34.33
CA ASP A 86 -15.43 -26.34 -34.22
C ASP A 86 -15.99 -26.24 -32.80
N LEU A 87 -15.11 -26.14 -31.80
CA LEU A 87 -15.55 -26.06 -30.41
C LEU A 87 -16.49 -24.87 -30.18
N VAL A 88 -17.60 -25.13 -29.49
CA VAL A 88 -18.60 -24.12 -29.19
C VAL A 88 -18.33 -23.29 -27.92
N ILE A 89 -18.36 -21.96 -28.04
CA ILE A 89 -18.37 -21.05 -26.88
C ILE A 89 -19.79 -20.63 -26.60
N PRO A 90 -20.46 -21.32 -25.66
CA PRO A 90 -21.90 -21.20 -25.43
C PRO A 90 -22.34 -19.80 -24.99
N ALA A 91 -21.46 -19.06 -24.32
CA ALA A 91 -21.85 -17.77 -23.77
C ALA A 91 -20.70 -16.79 -23.84
N PRO A 92 -20.36 -16.31 -25.04
CA PRO A 92 -19.33 -15.28 -25.10
C PRO A 92 -19.81 -14.02 -24.38
N ILE A 93 -18.87 -13.29 -23.82
CA ILE A 93 -19.17 -12.13 -23.00
C ILE A 93 -18.56 -10.89 -23.62
N GLN A 94 -19.38 -9.89 -23.90
CA GLN A 94 -18.84 -8.59 -24.32
C GLN A 94 -18.54 -7.71 -23.10
N GLN A 95 -17.32 -7.20 -22.98
CA GLN A 95 -16.88 -6.53 -21.73
C GLN A 95 -16.98 -5.03 -21.79
N LEU A 96 -18.07 -4.48 -21.29
CA LEU A 96 -18.17 -3.03 -21.17
C LEU A 96 -17.54 -2.49 -19.89
N VAL A 97 -16.66 -1.50 -20.05
CA VAL A 97 -15.93 -0.93 -18.94
C VAL A 97 -16.23 0.57 -18.80
N THR A 98 -16.57 0.98 -17.58
CA THR A 98 -16.83 2.38 -17.27
C THR A 98 -15.93 2.91 -16.16
N GLY A 99 -15.34 4.09 -16.39
CA GLY A 99 -14.50 4.73 -15.40
C GLY A 99 -13.44 5.69 -15.90
N GLN A 100 -12.57 6.09 -14.97
CA GLN A 100 -11.60 7.18 -15.19
C GLN A 100 -10.62 7.23 -14.02
N SER A 101 -9.47 7.85 -14.25
CA SER A 101 -8.45 8.01 -13.20
C SER A 101 -8.09 6.65 -12.60
N GLY A 102 -7.94 5.66 -13.46
CA GLY A 102 -7.46 4.37 -13.02
C GLY A 102 -8.43 3.52 -12.20
N LEU A 103 -9.70 3.94 -12.12
CA LEU A 103 -10.71 3.14 -11.41
C LEU A 103 -11.83 2.78 -12.35
N PHE A 104 -12.15 1.49 -12.47
CA PHE A 104 -13.14 1.09 -13.45
C PHE A 104 -14.02 -0.05 -12.94
N THR A 105 -15.22 -0.12 -13.48
CA THR A 105 -16.13 -1.22 -13.21
C THR A 105 -16.55 -1.91 -14.51
N GLN A 106 -16.38 -3.22 -14.57
CA GLN A 106 -16.67 -3.97 -15.79
C GLN A 106 -18.07 -4.61 -15.81
N TYR A 107 -18.83 -4.32 -16.86
CA TYR A 107 -20.15 -4.92 -17.02
C TYR A 107 -20.13 -5.99 -18.11
N ASN A 108 -20.73 -7.14 -17.82
CA ASN A 108 -20.78 -8.22 -18.79
C ASN A 108 -22.09 -8.22 -19.57
N ILE A 109 -21.98 -8.34 -20.88
CA ILE A 109 -23.13 -8.51 -21.76
C ILE A 109 -22.97 -9.82 -22.49
N GLN A 110 -23.90 -10.74 -22.28
CA GLN A 110 -23.75 -12.05 -22.90
C GLN A 110 -24.18 -12.05 -24.37
N LYS A 111 -23.26 -12.40 -25.25
CA LYS A 111 -23.54 -12.54 -26.67
C LYS A 111 -24.01 -13.96 -27.02
N LYS A 112 -24.51 -14.12 -28.25
CA LYS A 112 -24.94 -15.42 -28.75
C LYS A 112 -23.76 -16.37 -28.96
N ALA A 113 -24.01 -17.66 -28.77
CA ALA A 113 -22.97 -18.67 -28.92
C ALA A 113 -22.22 -18.59 -30.25
N MET A 114 -20.99 -19.07 -30.24
CA MET A 114 -20.15 -19.01 -31.44
C MET A 114 -18.98 -19.98 -31.31
N THR A 115 -18.29 -20.21 -32.43
CA THR A 115 -17.21 -21.19 -32.51
C THR A 115 -15.86 -20.53 -32.37
N VAL A 116 -14.87 -21.32 -32.01
CA VAL A 116 -13.50 -20.83 -31.95
C VAL A 116 -13.09 -20.23 -33.29
N ARG A 117 -13.58 -20.83 -34.38
CA ARG A 117 -13.33 -20.28 -35.71
C ARG A 117 -13.92 -18.87 -35.77
N GLU A 118 -15.21 -18.78 -35.46
CA GLU A 118 -15.89 -17.50 -35.49
C GLU A 118 -15.24 -16.48 -34.55
N PHE A 119 -14.92 -16.90 -33.33
CA PHE A 119 -14.23 -16.04 -32.37
C PHE A 119 -12.88 -15.60 -32.90
N ARG A 120 -12.07 -16.54 -33.37
CA ARG A 120 -10.74 -16.18 -33.89
C ARG A 120 -10.85 -15.13 -35.01
N LYS A 121 -11.90 -15.23 -35.82
CA LYS A 121 -12.04 -14.33 -36.97
C LYS A 121 -12.26 -12.92 -36.45
N ILE A 122 -13.15 -12.80 -35.47
CA ILE A 122 -13.42 -11.53 -34.81
C ILE A 122 -12.19 -10.99 -34.10
N ALA A 123 -11.45 -11.87 -33.41
CA ALA A 123 -10.33 -11.44 -32.60
C ALA A 123 -9.18 -10.88 -33.44
N ASN A 124 -8.93 -11.51 -34.58
CA ASN A 124 -7.82 -11.10 -35.45
C ASN A 124 -8.26 -10.00 -36.42
N SER A 125 -9.58 -9.78 -36.51
CA SER A 125 -10.13 -8.71 -37.35
C SER A 125 -9.53 -7.38 -36.95
N ASP A 126 -9.50 -6.45 -37.89
CA ASP A 126 -8.85 -5.15 -37.71
C ASP A 126 -9.48 -4.35 -36.58
N LYS A 127 -10.80 -4.48 -36.43
CA LYS A 127 -11.51 -3.75 -35.41
C LYS A 127 -11.01 -4.12 -34.00
N TYR A 128 -10.63 -5.39 -33.82
CA TYR A 128 -10.40 -5.92 -32.48
C TYR A 128 -8.98 -6.39 -32.16
N CYS A 129 -8.08 -6.35 -33.13
CA CYS A 129 -6.79 -7.01 -32.96
C CYS A 129 -5.79 -6.19 -32.21
N THR A 130 -4.67 -6.82 -31.87
CA THR A 130 -3.62 -6.19 -31.08
C THR A 130 -3.01 -4.98 -31.78
N PRO A 131 -3.01 -3.84 -31.11
CA PRO A 131 -2.24 -2.72 -31.64
C PRO A 131 -0.78 -3.10 -31.66
N ARG A 132 0.02 -2.38 -32.44
CA ARG A 132 1.42 -2.76 -32.51
C ARG A 132 2.22 -1.86 -31.58
N TYR A 133 3.43 -2.28 -31.28
CA TYR A 133 4.18 -1.77 -30.14
C TYR A 133 5.56 -2.41 -30.05
N SER A 134 6.48 -1.74 -29.39
CA SER A 134 7.81 -2.30 -29.15
C SER A 134 7.87 -3.05 -27.81
N GLU A 135 8.10 -2.30 -26.73
CA GLU A 135 8.22 -2.91 -25.40
C GLU A 135 6.84 -3.04 -24.71
N PHE A 136 6.75 -4.03 -23.82
CA PHE A 136 5.54 -4.32 -23.07
C PHE A 136 4.91 -3.09 -22.43
N GLU A 137 5.73 -2.20 -21.86
CA GLU A 137 5.18 -1.02 -21.19
C GLU A 137 4.35 -0.17 -22.15
N GLU A 138 4.67 -0.22 -23.44
CA GLU A 138 3.90 0.46 -24.47
C GLU A 138 2.52 -0.18 -24.61
N LEU A 139 2.47 -1.51 -24.67
CA LEU A 139 1.20 -2.20 -24.80
C LEU A 139 0.38 -2.00 -23.52
N GLU A 140 1.07 -2.04 -22.38
CA GLU A 140 0.45 -1.84 -21.08
C GLU A 140 -0.21 -0.47 -20.98
N ARG A 141 0.50 0.58 -21.39
CA ARG A 141 -0.05 1.93 -21.37
C ARG A 141 -1.29 2.07 -22.24
N LYS A 142 -1.29 1.36 -23.37
CA LYS A 142 -2.44 1.42 -24.27
C LYS A 142 -3.64 0.68 -23.70
N TYR A 143 -3.38 -0.40 -22.96
CA TYR A 143 -4.46 -1.12 -22.33
C TYR A 143 -5.21 -0.21 -21.34
N TRP A 144 -4.48 0.49 -20.46
CA TRP A 144 -5.10 1.35 -19.45
C TRP A 144 -5.62 2.66 -20.04
N LYS A 145 -5.23 2.97 -21.27
CA LYS A 145 -5.72 4.17 -21.93
C LYS A 145 -7.00 3.90 -22.71
N ASN A 146 -7.13 2.70 -23.27
CA ASN A 146 -8.25 2.37 -24.15
C ASN A 146 -9.21 1.33 -23.57
N LEU A 147 -9.02 1.02 -22.30
CA LEU A 147 -9.80 0.04 -21.57
C LEU A 147 -11.29 0.20 -21.78
N THR A 148 -11.76 1.45 -21.76
CA THR A 148 -13.18 1.74 -21.83
C THR A 148 -13.70 1.84 -23.27
N PHE A 149 -12.82 1.89 -24.28
CA PHE A 149 -13.27 2.06 -25.67
C PHE A 149 -13.37 0.72 -26.41
N ASN A 150 -14.26 0.64 -27.41
CA ASN A 150 -14.35 -0.52 -28.30
C ASN A 150 -14.35 -1.87 -27.57
N PRO A 151 -15.43 -2.17 -26.85
CA PRO A 151 -15.43 -3.34 -25.97
C PRO A 151 -15.27 -4.67 -26.69
N PRO A 152 -14.31 -5.48 -26.22
CA PRO A 152 -13.98 -6.78 -26.80
C PRO A 152 -14.93 -7.88 -26.36
N ILE A 153 -14.70 -9.09 -26.86
CA ILE A 153 -15.48 -10.24 -26.41
C ILE A 153 -14.54 -11.29 -25.84
N TYR A 154 -14.94 -11.87 -24.70
CA TYR A 154 -14.16 -12.91 -24.03
C TYR A 154 -14.95 -14.18 -24.10
N GLY A 155 -14.32 -15.24 -24.63
CA GLY A 155 -14.96 -16.54 -24.65
C GLY A 155 -14.60 -17.21 -23.34
N ALA A 156 -15.39 -16.94 -22.31
CA ALA A 156 -15.00 -17.26 -20.95
C ALA A 156 -15.88 -18.34 -20.32
N ASP A 157 -15.35 -18.99 -19.28
CA ASP A 157 -16.09 -20.02 -18.53
C ASP A 157 -16.60 -21.11 -19.47
N VAL A 158 -15.76 -21.55 -20.39
CA VAL A 158 -16.15 -22.63 -21.27
C VAL A 158 -15.81 -23.96 -20.59
N ASN A 159 -16.83 -24.77 -20.36
CA ASN A 159 -16.65 -26.04 -19.69
C ASN A 159 -15.90 -27.02 -20.56
N GLY A 160 -14.73 -27.43 -20.12
CA GLY A 160 -13.99 -28.45 -20.84
C GLY A 160 -12.49 -28.38 -20.62
N THR A 161 -11.79 -29.27 -21.31
CA THR A 161 -10.35 -29.39 -21.18
C THR A 161 -9.71 -29.66 -22.54
N LEU A 162 -8.49 -29.20 -22.73
CA LEU A 162 -7.75 -29.52 -23.93
C LEU A 162 -6.65 -30.56 -23.66
N TYR A 163 -6.60 -31.11 -22.44
CA TYR A 163 -5.63 -32.15 -22.12
C TYR A 163 -6.02 -33.49 -22.77
N GLU A 164 -5.07 -34.11 -23.45
CA GLU A 164 -5.30 -35.46 -23.95
C GLU A 164 -5.48 -36.43 -22.78
N LYS A 165 -6.39 -37.39 -22.94
CA LYS A 165 -6.85 -38.25 -21.85
C LYS A 165 -5.75 -38.97 -21.06
N HIS A 166 -4.52 -38.97 -21.57
CA HIS A 166 -3.45 -39.79 -21.01
C HIS A 166 -2.37 -38.99 -20.29
N VAL A 167 -2.40 -37.66 -20.40
CA VAL A 167 -1.37 -36.83 -19.76
C VAL A 167 -1.53 -36.85 -18.23
N ASP A 168 -0.50 -37.30 -17.53
CA ASP A 168 -0.61 -37.56 -16.08
C ASP A 168 0.07 -36.51 -15.24
N GLU A 169 0.83 -35.64 -15.88
CA GLU A 169 1.49 -34.54 -15.18
C GLU A 169 0.61 -33.30 -15.26
N TRP A 170 0.38 -32.66 -14.11
CA TRP A 170 -0.30 -31.35 -14.05
C TRP A 170 -1.55 -31.28 -14.89
N ASN A 171 -2.33 -32.37 -14.87
CA ASN A 171 -3.58 -32.40 -15.61
C ASN A 171 -4.68 -31.68 -14.83
N ILE A 172 -5.08 -30.53 -15.35
CA ILE A 172 -6.05 -29.65 -14.70
C ILE A 172 -7.40 -30.33 -14.50
N GLY A 173 -7.67 -31.35 -15.32
CA GLY A 173 -8.85 -32.17 -15.16
C GLY A 173 -8.81 -33.12 -13.99
N ARG A 174 -7.63 -33.46 -13.50
CA ARG A 174 -7.48 -34.36 -12.36
C ARG A 174 -6.16 -34.15 -11.59
N LEU A 175 -6.09 -33.08 -10.79
CA LEU A 175 -4.87 -32.75 -10.07
C LEU A 175 -4.69 -33.60 -8.79
N ARG A 176 -5.77 -34.23 -8.35
CA ARG A 176 -5.76 -35.11 -7.19
C ARG A 176 -5.28 -34.44 -5.88
N THR A 177 -5.68 -33.18 -5.65
CA THR A 177 -5.42 -32.55 -4.37
C THR A 177 -6.61 -32.80 -3.46
N ILE A 178 -6.53 -32.31 -2.22
CA ILE A 178 -7.59 -32.53 -1.25
C ILE A 178 -8.88 -31.72 -1.55
N LEU A 179 -8.88 -30.88 -2.58
CA LEU A 179 -10.13 -30.22 -2.97
C LEU A 179 -11.15 -31.29 -3.39
N ASP A 180 -10.64 -32.44 -3.86
CA ASP A 180 -11.44 -33.58 -4.26
C ASP A 180 -12.37 -34.06 -3.17
N LEU A 181 -12.07 -33.74 -1.91
CA LEU A 181 -12.95 -34.10 -0.82
C LEU A 181 -14.34 -33.51 -0.97
N VAL A 182 -14.47 -32.39 -1.69
CA VAL A 182 -15.77 -31.78 -1.85
C VAL A 182 -16.70 -32.68 -2.69
N GLU A 183 -16.27 -33.06 -3.89
CA GLU A 183 -17.07 -33.95 -4.71
C GLU A 183 -17.27 -35.31 -4.01
N LYS A 184 -16.15 -35.92 -3.60
CA LYS A 184 -16.14 -37.22 -2.90
C LYS A 184 -17.21 -37.35 -1.80
N GLU A 185 -17.34 -36.34 -0.97
CA GLU A 185 -18.27 -36.40 0.15
C GLU A 185 -19.71 -36.02 -0.20
N SER A 186 -19.89 -35.09 -1.13
CA SER A 186 -21.22 -34.52 -1.34
C SER A 186 -21.75 -34.70 -2.76
N GLY A 187 -20.87 -35.11 -3.68
CA GLY A 187 -21.21 -35.19 -5.09
C GLY A 187 -21.27 -33.83 -5.80
N ILE A 188 -21.13 -32.74 -5.05
CA ILE A 188 -21.22 -31.39 -5.60
C ILE A 188 -20.06 -30.98 -6.50
N THR A 189 -20.40 -30.56 -7.71
CA THR A 189 -19.42 -29.95 -8.59
C THR A 189 -19.74 -28.48 -8.75
N ILE A 190 -18.68 -27.69 -8.79
CA ILE A 190 -18.78 -26.25 -8.91
C ILE A 190 -17.96 -25.88 -10.15
N GLU A 191 -18.66 -25.48 -11.22
CA GLU A 191 -18.01 -25.28 -12.52
C GLU A 191 -16.82 -24.31 -12.46
N GLY A 192 -15.66 -24.79 -12.91
CA GLY A 192 -14.46 -23.98 -12.91
C GLY A 192 -13.69 -24.07 -11.60
N VAL A 193 -14.33 -24.57 -10.56
CA VAL A 193 -13.68 -24.60 -9.27
C VAL A 193 -13.10 -25.99 -9.01
N ASN A 194 -13.93 -27.02 -8.92
CA ASN A 194 -13.42 -28.40 -8.99
C ASN A 194 -13.73 -29.07 -10.33
N THR A 195 -13.89 -28.26 -11.38
CA THR A 195 -13.97 -28.73 -12.77
C THR A 195 -13.17 -27.74 -13.63
N PRO A 196 -12.76 -28.14 -14.85
CA PRO A 196 -11.92 -27.26 -15.70
C PRO A 196 -12.72 -26.21 -16.50
N TYR A 197 -12.16 -25.01 -16.66
CA TYR A 197 -12.71 -23.97 -17.54
C TYR A 197 -11.68 -23.64 -18.61
N LEU A 198 -12.16 -23.31 -19.80
CA LEU A 198 -11.30 -22.80 -20.87
C LEU A 198 -11.63 -21.33 -21.14
N TYR A 199 -10.60 -20.54 -21.43
CA TYR A 199 -10.77 -19.11 -21.70
C TYR A 199 -10.17 -18.72 -23.05
N PHE A 200 -11.05 -18.35 -23.98
CA PHE A 200 -10.59 -17.84 -25.27
C PHE A 200 -10.54 -16.32 -25.27
N GLY A 201 -9.34 -15.78 -25.37
CA GLY A 201 -9.16 -14.33 -25.28
C GLY A 201 -8.96 -13.60 -26.60
N MET A 202 -9.10 -12.29 -26.53
CA MET A 202 -8.68 -11.38 -27.60
C MET A 202 -8.07 -10.20 -26.89
N TRP A 203 -7.39 -9.33 -27.65
CA TRP A 203 -6.78 -8.13 -27.12
C TRP A 203 -7.72 -7.34 -26.21
N LYS A 204 -7.18 -6.85 -25.09
CA LYS A 204 -7.91 -5.96 -24.18
C LYS A 204 -9.04 -6.63 -23.40
N THR A 205 -9.19 -7.96 -23.49
CA THR A 205 -10.10 -8.65 -22.56
C THR A 205 -9.43 -8.79 -21.20
N SER A 206 -10.24 -8.74 -20.15
CA SER A 206 -9.75 -8.48 -18.78
C SER A 206 -10.25 -9.48 -17.75
N PHE A 207 -9.44 -9.71 -16.73
CA PHE A 207 -9.96 -10.26 -15.47
C PHE A 207 -9.73 -9.25 -14.34
N ALA A 208 -10.82 -8.92 -13.63
CA ALA A 208 -10.80 -7.96 -12.54
C ALA A 208 -10.05 -8.46 -11.30
N TRP A 209 -9.75 -7.53 -10.41
CA TRP A 209 -9.09 -7.84 -9.13
C TRP A 209 -9.91 -8.80 -8.25
N HIS A 210 -9.30 -9.90 -7.85
CA HIS A 210 -9.96 -10.92 -7.02
C HIS A 210 -9.04 -11.95 -6.36
N THR A 211 -9.56 -12.60 -5.33
CA THR A 211 -9.01 -13.86 -4.87
C THR A 211 -9.93 -14.96 -5.38
N GLU A 212 -9.49 -16.21 -5.29
CA GLU A 212 -10.33 -17.31 -5.76
C GLU A 212 -11.51 -17.47 -4.83
N ASP A 213 -12.52 -18.20 -5.30
CA ASP A 213 -13.59 -18.64 -4.43
C ASP A 213 -13.06 -19.39 -3.20
N MET A 214 -13.65 -19.09 -2.05
CA MET A 214 -13.21 -19.67 -0.77
C MET A 214 -11.71 -19.48 -0.56
N ASP A 215 -11.15 -18.44 -1.19
CA ASP A 215 -9.71 -18.20 -1.18
C ASP A 215 -8.86 -19.46 -1.47
N LEU A 216 -9.27 -20.26 -2.45
CA LEU A 216 -8.48 -21.40 -2.88
C LEU A 216 -7.26 -20.97 -3.68
N TYR A 217 -6.44 -21.96 -4.07
CA TYR A 217 -5.41 -21.80 -5.09
C TYR A 217 -6.03 -21.80 -6.49
N SER A 218 -5.31 -21.30 -7.49
CA SER A 218 -5.71 -21.66 -8.85
C SER A 218 -4.51 -22.03 -9.70
N ILE A 219 -4.76 -22.79 -10.75
CA ILE A 219 -3.74 -23.13 -11.73
C ILE A 219 -4.24 -22.64 -13.09
N ASN A 220 -3.38 -21.96 -13.83
CA ASN A 220 -3.78 -21.45 -15.15
C ASN A 220 -2.73 -21.84 -16.18
N TYR A 221 -3.14 -22.56 -17.21
CA TYR A 221 -2.22 -22.97 -18.27
C TYR A 221 -2.61 -22.32 -19.61
N LEU A 222 -1.62 -21.68 -20.25
CA LEU A 222 -1.84 -21.06 -21.55
C LEU A 222 -1.52 -22.03 -22.69
N HIS A 223 -2.54 -22.68 -23.23
CA HIS A 223 -2.39 -23.66 -24.32
C HIS A 223 -1.72 -23.05 -25.56
N PHE A 224 -2.22 -21.89 -26.01
CA PHE A 224 -1.65 -21.24 -27.18
C PHE A 224 -2.07 -19.76 -27.30
N GLY A 225 -1.49 -19.06 -28.28
CA GLY A 225 -1.89 -17.70 -28.62
C GLY A 225 -0.96 -16.65 -28.04
N GLU A 226 -1.46 -15.42 -28.02
CA GLU A 226 -0.68 -14.29 -27.49
C GLU A 226 -0.60 -14.32 -25.96
N PRO A 227 0.36 -13.57 -25.39
CA PRO A 227 0.53 -13.61 -23.94
C PRO A 227 -0.70 -13.13 -23.13
N LYS A 228 -0.64 -13.41 -21.82
CA LYS A 228 -1.62 -12.93 -20.84
C LYS A 228 -0.82 -12.30 -19.72
N SER A 229 -1.11 -11.04 -19.40
CA SER A 229 -0.34 -10.36 -18.35
C SER A 229 -1.10 -10.27 -17.03
N TRP A 230 -0.34 -10.30 -15.94
CA TRP A 230 -0.90 -10.43 -14.61
C TRP A 230 -0.37 -9.34 -13.70
N TYR A 231 -1.21 -8.85 -12.80
CA TYR A 231 -0.76 -8.07 -11.64
C TYR A 231 -1.09 -8.88 -10.40
N SER A 232 -0.32 -8.71 -9.33
CA SER A 232 -0.58 -9.45 -8.10
CA SER A 232 -0.61 -9.44 -8.11
C SER A 232 -0.28 -8.62 -6.87
N VAL A 233 -1.05 -8.81 -5.80
CA VAL A 233 -0.77 -8.18 -4.53
C VAL A 233 -0.46 -9.29 -3.54
N PRO A 234 0.61 -9.15 -2.74
CA PRO A 234 0.91 -10.15 -1.71
C PRO A 234 -0.22 -10.34 -0.67
N PRO A 235 -0.57 -11.60 -0.36
CA PRO A 235 -1.53 -11.96 0.68
C PRO A 235 -1.32 -11.21 2.00
N GLU A 236 -0.07 -11.02 2.41
CA GLU A 236 0.19 -10.25 3.62
C GLU A 236 -0.19 -8.78 3.47
N HIS A 237 -0.50 -8.33 2.25
CA HIS A 237 -1.01 -6.97 2.07
C HIS A 237 -2.42 -6.90 1.46
N GLY A 238 -3.09 -8.04 1.34
CA GLY A 238 -4.42 -8.08 0.78
C GLY A 238 -5.41 -7.15 1.45
N LYS A 239 -5.41 -7.10 2.79
CA LYS A 239 -6.39 -6.29 3.51
C LYS A 239 -6.22 -4.84 3.13
N ARG A 240 -4.98 -4.46 2.81
CA ARG A 240 -4.69 -3.08 2.42
C ARG A 240 -5.38 -2.74 1.11
N LEU A 241 -5.32 -3.65 0.16
CA LEU A 241 -6.00 -3.46 -1.11
C LEU A 241 -7.50 -3.37 -0.88
N GLU A 242 -8.01 -4.11 0.10
CA GLU A 242 -9.44 -4.08 0.36
C GLU A 242 -9.88 -2.73 0.90
N ARG A 243 -9.14 -2.19 1.87
CA ARG A 243 -9.44 -0.87 2.44
C ARG A 243 -9.50 0.16 1.33
N LEU A 244 -8.48 0.18 0.48
CA LEU A 244 -8.46 1.06 -0.67
C LEU A 244 -9.70 0.89 -1.56
N ALA A 245 -10.05 -0.35 -1.87
CA ALA A 245 -11.17 -0.61 -2.76
C ALA A 245 -12.47 -0.13 -2.12
N LYS A 246 -12.65 -0.43 -0.83
CA LYS A 246 -13.83 0.05 -0.09
C LYS A 246 -13.94 1.57 -0.13
N GLY A 247 -12.81 2.26 0.02
CA GLY A 247 -12.78 3.71 -0.07
C GLY A 247 -13.17 4.24 -1.44
N PHE A 248 -12.79 3.54 -2.49
CA PHE A 248 -13.06 4.06 -3.82
C PHE A 248 -14.42 3.64 -4.36
N PHE A 249 -14.98 2.58 -3.80
CA PHE A 249 -16.31 2.12 -4.20
C PHE A 249 -17.21 1.96 -2.97
N PRO A 250 -17.50 3.07 -2.26
CA PRO A 250 -18.26 2.97 -1.00
C PRO A 250 -19.67 2.45 -1.19
N GLY A 251 -20.30 2.78 -2.31
CA GLY A 251 -21.62 2.23 -2.61
C GLY A 251 -21.60 0.71 -2.62
N SER A 252 -20.73 0.16 -3.45
CA SER A 252 -20.60 -1.29 -3.57
C SER A 252 -20.24 -1.93 -2.22
N ALA A 253 -19.38 -1.26 -1.47
CA ALA A 253 -18.89 -1.81 -0.20
C ALA A 253 -20.03 -1.93 0.81
N GLN A 254 -20.89 -0.91 0.85
CA GLN A 254 -22.05 -0.91 1.73
C GLN A 254 -23.04 -2.03 1.37
N SER A 255 -23.20 -2.33 0.09
CA SER A 255 -24.15 -3.38 -0.31
C SER A 255 -23.62 -4.80 -0.13
N CYS A 256 -22.29 -4.95 -0.13
CA CYS A 256 -21.74 -6.28 -0.04
C CYS A 256 -20.48 -6.35 0.83
N GLU A 257 -20.43 -7.41 1.64
CA GLU A 257 -19.32 -7.61 2.56
C GLU A 257 -18.02 -7.92 1.81
N ALA A 258 -18.15 -8.45 0.60
CA ALA A 258 -16.99 -8.79 -0.21
C ALA A 258 -17.27 -8.49 -1.70
N PHE A 259 -17.45 -7.22 -2.04
CA PHE A 259 -17.86 -6.89 -3.40
C PHE A 259 -16.77 -7.17 -4.45
N LEU A 260 -15.52 -7.35 -4.03
CA LEU A 260 -14.50 -7.66 -5.03
C LEU A 260 -14.77 -9.05 -5.62
N ARG A 261 -15.54 -9.87 -4.92
CA ARG A 261 -15.85 -11.22 -5.41
C ARG A 261 -16.82 -11.20 -6.58
N HIS A 262 -17.40 -10.04 -6.87
CA HIS A 262 -18.24 -9.94 -8.05
C HIS A 262 -17.38 -9.98 -9.32
N LYS A 263 -16.08 -9.74 -9.15
CA LYS A 263 -15.09 -9.74 -10.23
C LYS A 263 -15.41 -8.70 -11.32
N MET A 264 -15.76 -7.48 -10.87
CA MET A 264 -16.11 -6.38 -11.76
C MET A 264 -15.18 -5.20 -11.63
N THR A 265 -14.26 -5.27 -10.67
CA THR A 265 -13.50 -4.08 -10.30
C THR A 265 -12.06 -4.11 -10.80
N LEU A 266 -11.71 -3.08 -11.56
CA LEU A 266 -10.42 -2.95 -12.20
C LEU A 266 -9.70 -1.75 -11.64
N ILE A 267 -8.43 -1.92 -11.29
CA ILE A 267 -7.66 -0.84 -10.70
C ILE A 267 -6.28 -0.81 -11.33
N SER A 268 -5.92 0.35 -11.88
CA SER A 268 -4.69 0.49 -12.63
C SER A 268 -3.46 0.43 -11.70
N PRO A 269 -2.32 -0.09 -12.19
CA PRO A 269 -1.14 -0.18 -11.32
C PRO A 269 -0.66 1.20 -10.82
N LEU A 270 -0.86 2.26 -11.60
CA LEU A 270 -0.55 3.61 -11.12
C LEU A 270 -1.38 4.01 -9.91
N MET A 271 -2.63 3.56 -9.83
CA MET A 271 -3.43 3.86 -8.65
C MET A 271 -2.92 3.09 -7.44
N LEU A 272 -2.38 1.88 -7.67
CA LEU A 272 -1.86 1.12 -6.55
C LEU A 272 -0.61 1.80 -6.03
N LYS A 273 0.24 2.27 -6.94
CA LYS A 273 1.48 2.94 -6.52
C LYS A 273 1.14 4.17 -5.72
N LYS A 274 0.24 4.98 -6.27
CA LYS A 274 -0.15 6.25 -5.68
C LYS A 274 -0.66 6.09 -4.23
N TYR A 275 -1.20 4.91 -3.90
CA TYR A 275 -1.69 4.67 -2.56
C TYR A 275 -0.89 3.61 -1.81
N GLY A 276 0.30 3.32 -2.30
CA GLY A 276 1.27 2.56 -1.54
C GLY A 276 0.88 1.11 -1.30
N ILE A 277 0.06 0.54 -2.19
CA ILE A 277 -0.19 -0.88 -2.17
C ILE A 277 0.92 -1.64 -2.92
N PRO A 278 1.65 -2.52 -2.21
CA PRO A 278 2.70 -3.33 -2.86
C PRO A 278 2.10 -4.23 -3.90
N PHE A 279 2.74 -4.37 -5.05
CA PHE A 279 2.25 -5.25 -6.09
C PHE A 279 3.37 -5.62 -7.03
N ASP A 280 3.16 -6.63 -7.88
CA ASP A 280 4.15 -7.06 -8.84
C ASP A 280 3.48 -7.45 -10.17
N LYS A 281 4.27 -7.49 -11.24
CA LYS A 281 3.76 -7.76 -12.59
C LYS A 281 4.49 -8.94 -13.18
N VAL A 282 3.81 -9.69 -14.04
CA VAL A 282 4.44 -10.77 -14.78
C VAL A 282 3.60 -11.03 -16.01
N THR A 283 4.26 -11.40 -17.10
CA THR A 283 3.60 -11.73 -18.36
C THR A 283 3.75 -13.21 -18.71
N GLN A 284 2.63 -13.87 -18.96
CA GLN A 284 2.61 -15.31 -19.16
C GLN A 284 2.64 -15.65 -20.65
N GLU A 285 3.52 -16.55 -21.07
CA GLU A 285 3.64 -16.92 -22.48
C GLU A 285 2.94 -18.25 -22.72
N ALA A 286 2.51 -18.52 -23.96
CA ALA A 286 1.98 -19.82 -24.32
C ALA A 286 2.89 -20.95 -23.81
N GLY A 287 2.25 -22.05 -23.40
CA GLY A 287 2.95 -23.14 -22.73
C GLY A 287 3.47 -22.86 -21.32
N GLU A 288 3.08 -21.75 -20.69
CA GLU A 288 3.47 -21.48 -19.30
C GLU A 288 2.33 -21.61 -18.27
N PHE A 289 2.68 -22.02 -17.05
CA PHE A 289 1.73 -22.12 -15.95
C PHE A 289 1.80 -20.90 -15.05
N MET A 290 0.66 -20.50 -14.48
CA MET A 290 0.61 -19.54 -13.38
C MET A 290 -0.11 -20.19 -12.22
N ILE A 291 0.42 -20.02 -11.02
CA ILE A 291 -0.22 -20.50 -9.81
C ILE A 291 -0.60 -19.30 -8.96
N THR A 292 -1.87 -19.21 -8.57
CA THR A 292 -2.25 -18.20 -7.59
C THR A 292 -2.45 -18.92 -6.25
N PHE A 293 -2.15 -18.20 -5.18
CA PHE A 293 -2.11 -18.75 -3.84
C PHE A 293 -3.27 -18.19 -3.02
N PRO A 294 -3.65 -18.88 -1.94
CA PRO A 294 -4.81 -18.45 -1.14
C PRO A 294 -4.69 -16.97 -0.71
N TYR A 295 -5.78 -16.23 -0.88
CA TYR A 295 -5.83 -14.79 -0.56
C TYR A 295 -4.85 -13.95 -1.39
N GLY A 296 -4.43 -14.47 -2.53
CA GLY A 296 -3.62 -13.70 -3.46
C GLY A 296 -4.50 -12.96 -4.46
N TYR A 297 -4.67 -11.64 -4.27
CA TYR A 297 -5.41 -10.80 -5.22
C TYR A 297 -4.65 -10.65 -6.53
N HIS A 298 -5.32 -10.91 -7.65
CA HIS A 298 -4.72 -10.71 -8.96
C HIS A 298 -5.71 -10.14 -9.96
N ALA A 299 -5.18 -9.58 -11.04
CA ALA A 299 -5.96 -9.05 -12.15
C ALA A 299 -5.07 -9.04 -13.39
N GLY A 300 -5.63 -8.76 -14.56
CA GLY A 300 -4.83 -8.70 -15.76
C GLY A 300 -5.62 -8.64 -17.05
N PHE A 301 -4.93 -8.91 -18.16
CA PHE A 301 -5.52 -8.81 -19.49
C PHE A 301 -4.79 -9.69 -20.52
N ASN A 302 -5.47 -10.03 -21.61
CA ASN A 302 -4.87 -10.81 -22.70
C ASN A 302 -4.33 -9.90 -23.81
N HIS A 303 -3.23 -10.30 -24.45
CA HIS A 303 -2.60 -9.49 -25.50
C HIS A 303 -3.30 -9.64 -26.84
N GLY A 304 -3.84 -10.82 -27.13
CA GLY A 304 -4.55 -11.03 -28.38
C GLY A 304 -5.34 -12.33 -28.30
N PHE A 305 -5.54 -12.96 -29.46
CA PHE A 305 -6.16 -14.26 -29.49
C PHE A 305 -5.30 -15.27 -28.73
N ASN A 306 -5.89 -15.91 -27.72
CA ASN A 306 -5.23 -16.98 -26.97
C ASN A 306 -6.27 -17.89 -26.34
N CYS A 307 -5.77 -18.95 -25.71
CA CYS A 307 -6.60 -19.93 -25.02
C CYS A 307 -5.92 -20.39 -23.74
N ALA A 308 -6.66 -20.29 -22.63
CA ALA A 308 -6.13 -20.65 -21.32
C ALA A 308 -7.05 -21.64 -20.65
N GLU A 309 -6.47 -22.48 -19.81
CA GLU A 309 -7.25 -23.44 -19.07
C GLU A 309 -6.97 -23.30 -17.57
N SER A 310 -8.01 -23.38 -16.74
CA SER A 310 -7.82 -23.26 -15.30
C SER A 310 -8.83 -24.00 -14.44
N THR A 311 -8.44 -24.20 -13.18
CA THR A 311 -9.32 -24.71 -12.15
C THR A 311 -8.74 -24.28 -10.81
N ASN A 312 -9.47 -24.52 -9.71
CA ASN A 312 -8.89 -24.30 -8.39
C ASN A 312 -8.36 -25.61 -7.82
N PHE A 313 -7.58 -25.51 -6.76
CA PHE A 313 -7.14 -26.67 -6.00
C PHE A 313 -6.79 -26.24 -4.59
N ALA A 314 -6.46 -27.20 -3.73
CA ALA A 314 -6.15 -26.91 -2.34
C ALA A 314 -4.94 -27.70 -1.81
N THR A 315 -4.33 -27.17 -0.75
CA THR A 315 -3.38 -27.89 0.10
C THR A 315 -3.88 -27.77 1.53
N ARG A 316 -3.18 -28.44 2.46
CA ARG A 316 -3.61 -28.46 3.86
C ARG A 316 -3.60 -27.06 4.41
N ARG A 317 -2.64 -26.26 3.93
CA ARG A 317 -2.53 -24.85 4.30
C ARG A 317 -3.78 -24.06 3.95
N TRP A 318 -4.47 -24.46 2.89
CA TRP A 318 -5.63 -23.70 2.42
C TRP A 318 -6.75 -23.72 3.45
N ILE A 319 -6.85 -24.82 4.21
CA ILE A 319 -8.01 -25.08 5.07
C ILE A 319 -8.33 -23.91 5.95
N GLU A 320 -7.30 -23.31 6.55
CA GLU A 320 -7.54 -22.20 7.47
C GLU A 320 -8.05 -20.97 6.69
N TYR A 321 -7.47 -20.74 5.52
CA TYR A 321 -7.94 -19.65 4.66
C TYR A 321 -9.41 -19.87 4.34
N GLY A 322 -9.74 -21.12 4.01
CA GLY A 322 -11.10 -21.48 3.70
C GLY A 322 -12.06 -21.28 4.86
N LYS A 323 -11.57 -21.52 6.07
CA LYS A 323 -12.42 -21.40 7.25
C LYS A 323 -12.76 -19.94 7.50
N GLN A 324 -11.85 -19.05 7.10
CA GLN A 324 -11.97 -17.63 7.43
C GLN A 324 -12.37 -16.71 6.26
N ALA A 325 -12.47 -17.25 5.05
CA ALA A 325 -12.75 -16.44 3.86
C ALA A 325 -14.04 -15.67 4.02
N VAL A 326 -13.98 -14.37 3.74
CA VAL A 326 -15.17 -13.53 3.81
C VAL A 326 -15.90 -13.56 2.47
N LEU A 327 -17.15 -14.01 2.49
CA LEU A 327 -17.88 -14.30 1.25
C LEU A 327 -18.89 -13.22 0.85
N CYS A 328 -19.22 -13.20 -0.45
CA CYS A 328 -20.24 -12.31 -0.97
C CYS A 328 -21.58 -12.58 -0.30
N SER A 329 -22.17 -11.54 0.27
CA SER A 329 -23.42 -11.65 1.01
C SER A 329 -24.68 -11.29 0.20
N CYS A 330 -24.51 -10.77 -1.00
CA CYS A 330 -25.63 -10.15 -1.70
C CYS A 330 -26.14 -10.96 -2.87
N ARG A 331 -25.73 -12.22 -2.95
CA ARG A 331 -26.16 -13.11 -4.03
C ARG A 331 -26.40 -14.51 -3.51
N LYS A 332 -27.40 -15.20 -4.06
CA LYS A 332 -27.72 -16.57 -3.66
C LYS A 332 -26.85 -17.60 -4.40
N ASP A 333 -26.41 -17.25 -5.61
CA ASP A 333 -25.60 -18.17 -6.42
C ASP A 333 -24.09 -17.87 -6.35
N MET A 334 -23.63 -17.46 -5.16
CA MET A 334 -22.20 -17.31 -4.96
C MET A 334 -21.66 -18.63 -4.44
N VAL A 335 -20.37 -18.87 -4.64
CA VAL A 335 -19.81 -20.17 -4.34
C VAL A 335 -19.45 -20.33 -2.86
N LYS A 336 -20.13 -21.27 -2.21
CA LYS A 336 -19.86 -21.57 -0.82
C LYS A 336 -19.62 -23.07 -0.58
N ILE A 337 -18.40 -23.39 -0.21
CA ILE A 337 -17.99 -24.76 0.10
C ILE A 337 -18.07 -25.03 1.60
N SER A 338 -18.71 -26.12 2.00
CA SER A 338 -18.76 -26.52 3.40
C SER A 338 -17.38 -26.94 3.87
N MET A 339 -16.88 -26.28 4.92
CA MET A 339 -15.53 -26.51 5.42
C MET A 339 -15.47 -27.69 6.38
N ASP A 340 -16.64 -28.14 6.79
CA ASP A 340 -16.84 -29.12 7.84
C ASP A 340 -15.97 -30.38 7.65
N VAL A 341 -16.07 -30.99 6.47
CA VAL A 341 -15.33 -32.20 6.18
C VAL A 341 -13.81 -31.99 6.31
N PHE A 342 -13.34 -30.79 6.04
CA PHE A 342 -11.89 -30.54 6.10
C PHE A 342 -11.40 -30.40 7.53
N VAL A 343 -12.21 -29.76 8.36
CA VAL A 343 -11.84 -29.55 9.74
C VAL A 343 -11.88 -30.89 10.45
N ARG A 344 -12.92 -31.69 10.22
CA ARG A 344 -12.97 -33.01 10.85
C ARG A 344 -11.74 -33.84 10.51
N LYS A 345 -11.38 -33.84 9.23
CA LYS A 345 -10.34 -34.75 8.76
C LYS A 345 -8.92 -34.25 9.00
N PHE A 346 -8.69 -32.93 9.05
CA PHE A 346 -7.32 -32.42 9.17
C PHE A 346 -7.08 -31.50 10.38
N GLN A 347 -8.12 -31.14 11.10
CA GLN A 347 -7.97 -30.35 12.32
C GLN A 347 -8.90 -30.89 13.43
N PRO A 348 -8.80 -32.21 13.72
CA PRO A 348 -9.76 -32.84 14.64
C PRO A 348 -9.77 -32.24 16.04
N GLU A 349 -8.64 -31.70 16.49
CA GLU A 349 -8.55 -31.08 17.81
C GLU A 349 -9.44 -29.87 17.89
N ARG A 350 -9.63 -29.23 16.75
CA ARG A 350 -10.23 -27.89 16.75
C ARG A 350 -11.67 -27.95 16.32
N TYR A 351 -12.14 -29.13 15.95
CA TYR A 351 -13.48 -29.27 15.37
C TYR A 351 -14.58 -28.75 16.30
N LYS A 352 -14.58 -29.25 17.54
CA LYS A 352 -15.55 -28.85 18.56
C LYS A 352 -15.50 -27.34 18.75
N LEU A 353 -14.30 -26.83 19.01
CA LEU A 353 -14.09 -25.41 19.19
C LEU A 353 -14.55 -24.62 17.96
N TRP A 354 -14.20 -25.11 16.77
CA TRP A 354 -14.55 -24.43 15.53
C TRP A 354 -16.07 -24.35 15.38
N LYS A 355 -16.72 -25.48 15.57
CA LYS A 355 -18.18 -25.58 15.46
C LYS A 355 -18.88 -24.71 16.52
N ALA A 356 -18.22 -24.49 17.65
CA ALA A 356 -18.78 -23.63 18.68
C ALA A 356 -18.44 -22.17 18.41
N GLY A 357 -17.99 -21.88 17.20
CA GLY A 357 -17.60 -20.52 16.83
C GLY A 357 -16.52 -19.86 17.68
N LYS A 358 -15.69 -20.66 18.35
CA LYS A 358 -14.68 -20.12 19.27
C LYS A 358 -13.24 -20.46 18.86
N ASP A 359 -13.05 -20.77 17.59
CA ASP A 359 -11.72 -21.03 17.02
C ASP A 359 -11.09 -19.72 16.53
N ASN A 360 -10.17 -19.17 17.33
CA ASN A 360 -9.60 -17.87 17.01
C ASN A 360 -8.19 -17.92 16.39
N THR A 361 -7.86 -19.07 15.77
CA THR A 361 -6.62 -19.20 15.00
C THR A 361 -6.36 -17.96 14.15
N VAL A 362 -5.12 -17.48 14.15
CA VAL A 362 -4.77 -16.33 13.34
C VAL A 362 -3.85 -16.83 12.25
N ILE A 363 -4.05 -16.37 11.02
CA ILE A 363 -3.26 -16.83 9.88
C ILE A 363 -1.94 -16.07 9.66
N ASP A 364 -0.85 -16.81 9.50
CA ASP A 364 0.45 -16.24 9.13
C ASP A 364 0.68 -16.46 7.63
N HIS A 365 0.51 -15.42 6.84
CA HIS A 365 0.60 -15.54 5.39
C HIS A 365 2.00 -15.93 4.89
N THR A 366 3.00 -15.83 5.76
CA THR A 366 4.37 -16.12 5.36
C THR A 366 4.71 -17.62 5.46
N LEU A 367 3.96 -18.35 6.29
CA LEU A 367 4.19 -19.78 6.50
C LEU A 367 3.86 -20.66 5.30
N PRO A 368 4.74 -21.65 4.99
CA PRO A 368 4.46 -22.63 3.91
C PRO A 368 3.66 -23.87 4.36
N THR A 369 3.04 -24.57 3.40
CA THR A 369 2.13 -25.68 3.70
C THR A 369 2.89 -26.85 4.33
N PRO A 370 2.27 -27.49 5.34
CA PRO A 370 2.78 -28.66 6.08
C PRO A 370 3.38 -29.75 5.18
N GLU A 371 2.78 -30.00 4.02
CA GLU A 371 3.24 -31.05 3.10
C GLU A 371 4.70 -30.88 2.69
N ALA A 372 5.23 -29.68 2.92
CA ALA A 372 6.62 -29.35 2.61
C ALA A 372 7.56 -29.65 3.79
N ALA A 373 7.15 -30.57 4.65
CA ALA A 373 7.96 -30.97 5.79
C ALA A 373 9.24 -31.63 5.33
N GLU A 374 9.19 -32.25 4.15
CA GLU A 374 10.34 -32.94 3.58
C GLU A 374 11.30 -31.99 2.84
N PHE A 375 10.88 -30.74 2.68
CA PHE A 375 11.70 -29.73 1.98
C PHE A 375 12.05 -28.55 2.89
N LEU A 376 11.36 -28.44 4.03
CA LEU A 376 11.68 -27.42 5.04
C LEU A 376 13.03 -27.72 5.67
N LEU B 30 -11.04 7.68 6.70
CA LEU B 30 -12.38 7.65 6.16
C LEU B 30 -12.35 7.58 4.60
N ASN B 31 -12.46 8.73 3.94
CA ASN B 31 -12.63 8.78 2.49
C ASN B 31 -11.35 9.08 1.71
N PRO B 32 -11.15 8.38 0.58
CA PRO B 32 -10.05 8.84 -0.27
C PRO B 32 -10.35 10.24 -0.76
N SER B 33 -9.39 10.79 -1.50
CA SER B 33 -9.28 12.22 -1.76
C SER B 33 -8.65 12.85 -0.52
N ALA B 34 -8.68 12.12 0.60
CA ALA B 34 -8.08 12.53 1.86
C ALA B 34 -7.21 11.41 2.45
N ARG B 35 -6.77 10.48 1.61
CA ARG B 35 -5.83 9.44 2.06
C ARG B 35 -4.40 9.71 1.60
N ILE B 36 -3.46 9.29 2.42
CA ILE B 36 -2.06 9.56 2.15
C ILE B 36 -1.63 9.03 0.79
N MET B 37 -1.12 9.93 -0.05
CA MET B 37 -0.65 9.55 -1.38
C MET B 37 0.86 9.51 -1.43
N THR B 38 1.36 8.60 -2.26
CA THR B 38 2.79 8.44 -2.51
C THR B 38 3.06 8.83 -3.94
N PHE B 39 4.11 9.62 -4.16
CA PHE B 39 4.45 10.11 -5.49
C PHE B 39 5.84 9.65 -5.91
N TYR B 40 6.07 9.54 -7.21
CA TYR B 40 7.33 8.99 -7.72
C TYR B 40 7.90 9.85 -8.83
N PRO B 41 8.38 11.05 -8.51
CA PRO B 41 8.84 11.95 -9.58
C PRO B 41 10.02 11.41 -10.39
N THR B 42 10.08 11.81 -11.66
CA THR B 42 11.27 11.61 -12.48
C THR B 42 12.38 12.53 -12.00
N MET B 43 13.59 12.41 -12.55
CA MET B 43 14.67 13.33 -12.16
C MET B 43 14.35 14.77 -12.56
N GLU B 44 13.84 14.93 -13.76
CA GLU B 44 13.46 16.23 -14.27
C GLU B 44 12.34 16.85 -13.44
N GLU B 45 11.41 16.03 -12.98
CA GLU B 45 10.33 16.53 -12.14
C GLU B 45 10.87 16.91 -10.77
N PHE B 46 11.89 16.16 -10.35
CA PHE B 46 12.42 16.27 -9.00
C PHE B 46 13.24 17.53 -8.82
N ARG B 47 13.69 18.11 -9.94
CA ARG B 47 14.65 19.21 -9.89
C ARG B 47 14.06 20.48 -9.32
N ASN B 48 12.84 20.83 -9.72
CA ASN B 48 12.24 22.04 -9.17
C ASN B 48 11.28 21.72 -8.00
N PHE B 49 11.79 21.89 -6.77
CA PHE B 49 11.07 21.54 -5.54
C PHE B 49 9.70 22.22 -5.42
N SER B 50 9.71 23.55 -5.38
CA SER B 50 8.46 24.29 -5.21
C SER B 50 7.43 23.91 -6.28
N ARG B 51 7.90 23.67 -7.50
CA ARG B 51 7.05 23.29 -8.62
C ARG B 51 6.40 21.96 -8.35
N TYR B 52 7.16 21.02 -7.79
CA TYR B 52 6.64 19.68 -7.60
C TYR B 52 5.61 19.62 -6.47
N ILE B 53 5.85 20.43 -5.42
CA ILE B 53 4.89 20.55 -4.32
C ILE B 53 3.57 21.02 -4.90
N ALA B 54 3.62 22.04 -5.75
CA ALA B 54 2.40 22.54 -6.36
C ALA B 54 1.71 21.46 -7.21
N TYR B 55 2.51 20.60 -7.86
CA TYR B 55 1.99 19.49 -8.63
C TYR B 55 1.23 18.45 -7.80
N ILE B 56 1.88 17.92 -6.76
CA ILE B 56 1.20 16.95 -5.91
C ILE B 56 -0.04 17.60 -5.28
N GLU B 57 -0.04 18.90 -5.07
CA GLU B 57 -1.24 19.55 -4.54
C GLU B 57 -2.35 19.52 -5.59
N SER B 58 -1.98 19.60 -6.86
CA SER B 58 -2.99 19.53 -7.93
C SER B 58 -3.56 18.11 -7.99
N GLN B 59 -2.80 17.13 -7.52
CA GLN B 59 -3.30 15.78 -7.37
C GLN B 59 -4.10 15.57 -6.06
N GLY B 60 -4.19 16.60 -5.22
CA GLY B 60 -4.96 16.52 -4.00
C GLY B 60 -4.22 15.92 -2.82
N ALA B 61 -2.88 15.94 -2.89
CA ALA B 61 -2.07 15.29 -1.86
C ALA B 61 -2.14 16.00 -0.52
N HIS B 62 -2.54 17.26 -0.53
CA HIS B 62 -2.59 18.08 0.67
C HIS B 62 -3.81 17.79 1.54
N ARG B 63 -4.79 17.09 0.98
CA ARG B 63 -6.03 16.89 1.71
C ARG B 63 -5.86 15.92 2.85
N ALA B 64 -4.91 14.99 2.71
CA ALA B 64 -4.60 14.04 3.75
C ALA B 64 -3.81 14.71 4.88
N GLY B 65 -3.20 15.85 4.55
CA GLY B 65 -2.34 16.60 5.46
C GLY B 65 -0.92 16.07 5.48
N LEU B 66 -0.68 15.01 4.73
CA LEU B 66 0.59 14.29 4.76
C LEU B 66 0.78 13.49 3.47
N ALA B 67 1.99 13.45 2.93
CA ALA B 67 2.26 12.71 1.71
C ALA B 67 3.71 12.24 1.62
N LYS B 68 3.91 11.09 0.99
CA LYS B 68 5.24 10.57 0.78
C LYS B 68 5.71 10.84 -0.62
N VAL B 69 6.97 11.27 -0.74
CA VAL B 69 7.61 11.42 -2.05
C VAL B 69 8.85 10.53 -2.14
N VAL B 70 8.85 9.60 -3.09
CA VAL B 70 9.99 8.72 -3.31
C VAL B 70 10.90 9.25 -4.41
N PRO B 71 12.14 9.59 -4.05
CA PRO B 71 13.09 10.18 -5.02
C PRO B 71 13.52 9.17 -6.09
N PRO B 72 13.97 9.67 -7.26
CA PRO B 72 14.58 8.84 -8.31
C PRO B 72 15.65 7.92 -7.75
N LYS B 73 15.83 6.73 -8.30
CA LYS B 73 16.94 5.85 -7.91
C LYS B 73 18.30 6.53 -8.12
N GLU B 74 18.39 7.35 -9.16
CA GLU B 74 19.63 8.02 -9.53
C GLU B 74 20.11 9.03 -8.48
N TRP B 75 19.26 9.33 -7.51
CA TRP B 75 19.51 10.42 -6.57
C TRP B 75 19.91 9.93 -5.19
N LYS B 76 20.99 10.51 -4.66
CA LYS B 76 21.40 10.32 -3.28
C LYS B 76 21.94 11.65 -2.72
N PRO B 77 21.55 12.01 -1.49
CA PRO B 77 21.93 13.32 -0.94
C PRO B 77 23.36 13.34 -0.40
N ARG B 78 23.91 12.15 -0.16
CA ARG B 78 25.23 12.01 0.43
C ARG B 78 25.82 10.66 0.06
N ALA B 79 27.13 10.63 -0.17
CA ALA B 79 27.82 9.42 -0.63
C ALA B 79 27.81 8.28 0.39
N SER B 80 28.18 8.59 1.64
CA SER B 80 28.24 7.57 2.68
C SER B 80 27.95 8.15 4.06
N TYR B 81 27.48 7.32 4.99
CA TYR B 81 27.17 7.77 6.34
C TYR B 81 28.05 7.09 7.39
N ASP B 82 29.37 7.20 7.26
CA ASP B 82 30.29 6.61 8.22
C ASP B 82 31.29 7.64 8.74
N ASP B 83 31.45 8.72 7.97
CA ASP B 83 32.27 9.85 8.40
C ASP B 83 31.51 10.79 9.32
N ILE B 84 30.55 10.26 10.08
CA ILE B 84 29.76 11.10 10.98
C ILE B 84 29.60 10.47 12.36
N ASP B 85 30.40 9.47 12.65
CA ASP B 85 30.30 8.82 13.95
C ASP B 85 30.77 9.74 15.08
N ASP B 86 31.52 10.77 14.73
CA ASP B 86 31.99 11.75 15.70
C ASP B 86 31.05 12.97 15.80
N LEU B 87 29.94 12.92 15.09
CA LEU B 87 28.91 13.95 15.21
C LEU B 87 28.34 13.94 16.62
N VAL B 88 28.25 15.13 17.21
CA VAL B 88 27.81 15.26 18.60
C VAL B 88 26.33 15.61 18.67
N ILE B 89 25.59 14.84 19.46
CA ILE B 89 24.22 15.19 19.79
C ILE B 89 24.22 15.95 21.11
N PRO B 90 24.16 17.28 21.03
CA PRO B 90 24.31 18.17 22.19
C PRO B 90 23.28 17.91 23.30
N ALA B 91 22.02 17.75 22.93
CA ALA B 91 20.95 17.68 23.92
C ALA B 91 19.99 16.49 23.76
N PRO B 92 20.50 15.25 23.95
CA PRO B 92 19.65 14.05 23.89
C PRO B 92 18.50 14.16 24.87
N ILE B 93 17.38 13.52 24.56
CA ILE B 93 16.17 13.64 25.36
C ILE B 93 15.65 12.28 25.82
N GLN B 94 15.48 12.06 27.12
CA GLN B 94 14.79 10.85 27.53
C GLN B 94 13.30 11.11 27.56
N GLN B 95 12.52 10.23 26.93
CA GLN B 95 11.09 10.45 26.78
C GLN B 95 10.29 9.62 27.76
N LEU B 96 9.90 10.25 28.86
CA LEU B 96 8.97 9.63 29.79
C LEU B 96 7.52 9.88 29.42
N VAL B 97 6.69 8.88 29.67
CA VAL B 97 5.32 8.93 29.25
C VAL B 97 4.39 8.39 30.34
N THR B 98 3.45 9.22 30.77
CA THR B 98 2.41 8.78 31.68
C THR B 98 1.05 8.76 30.98
N GLY B 99 0.26 7.73 31.25
CA GLY B 99 -1.07 7.69 30.68
C GLY B 99 -1.71 6.33 30.68
N GLN B 100 -2.93 6.28 30.14
CA GLN B 100 -3.77 5.09 30.16
C GLN B 100 -4.93 5.26 29.16
N SER B 101 -5.52 4.14 28.75
CA SER B 101 -6.69 4.14 27.86
C SER B 101 -6.46 4.94 26.59
N GLY B 102 -5.27 4.83 26.02
CA GLY B 102 -4.97 5.47 24.75
C GLY B 102 -4.66 6.96 24.80
N LEU B 103 -4.59 7.53 26.01
CA LEU B 103 -4.28 8.95 26.19
C LEU B 103 -3.06 9.17 27.05
N PHE B 104 -2.09 9.93 26.55
CA PHE B 104 -0.79 10.01 27.18
C PHE B 104 -0.21 11.42 27.12
N THR B 105 0.58 11.75 28.14
CA THR B 105 1.38 12.95 28.11
C THR B 105 2.85 12.57 28.24
N GLN B 106 3.67 13.18 27.41
CA GLN B 106 5.10 12.89 27.34
C GLN B 106 5.95 14.00 27.98
N TYR B 107 6.88 13.62 28.85
CA TYR B 107 7.77 14.57 29.51
C TYR B 107 9.23 14.35 29.06
N ASN B 108 9.89 15.42 28.61
CA ASN B 108 11.28 15.34 28.18
C ASN B 108 12.26 15.56 29.32
N ILE B 109 13.23 14.65 29.46
CA ILE B 109 14.33 14.82 30.41
C ILE B 109 15.61 14.92 29.62
N GLN B 110 16.29 16.06 29.68
CA GLN B 110 17.53 16.20 28.91
C GLN B 110 18.66 15.38 29.55
N LYS B 111 19.51 14.80 28.72
CA LYS B 111 20.65 14.05 29.23
C LYS B 111 21.97 14.69 28.77
N LYS B 112 23.09 14.12 29.20
CA LYS B 112 24.39 14.66 28.82
C LYS B 112 24.63 14.48 27.33
N ALA B 113 25.39 15.40 26.72
CA ALA B 113 25.75 15.24 25.32
C ALA B 113 26.39 13.89 25.05
N MET B 114 26.25 13.41 23.82
CA MET B 114 26.88 12.16 23.40
C MET B 114 27.10 12.22 21.90
N THR B 115 27.97 11.35 21.38
CA THR B 115 28.18 11.28 19.94
C THR B 115 27.21 10.26 19.32
N VAL B 116 27.10 10.30 17.99
CA VAL B 116 26.33 9.27 17.29
C VAL B 116 26.76 7.86 17.69
N ARG B 117 28.09 7.60 17.70
CA ARG B 117 28.64 6.32 18.16
CA ARG B 117 28.61 6.30 18.13
C ARG B 117 27.96 5.81 19.41
N GLU B 118 28.01 6.65 20.45
CA GLU B 118 27.50 6.26 21.76
C GLU B 118 26.01 6.06 21.72
N PHE B 119 25.30 6.93 20.98
CA PHE B 119 23.86 6.82 20.82
C PHE B 119 23.48 5.52 20.11
N ARG B 120 24.03 5.34 18.90
CA ARG B 120 23.79 4.13 18.10
C ARG B 120 24.00 2.86 18.88
N LYS B 121 25.02 2.84 19.72
CA LYS B 121 25.29 1.65 20.50
C LYS B 121 24.16 1.40 21.51
N ILE B 122 23.66 2.46 22.14
CA ILE B 122 22.56 2.28 23.10
C ILE B 122 21.28 1.86 22.37
N ALA B 123 21.06 2.44 21.19
CA ALA B 123 19.89 2.13 20.39
C ALA B 123 19.86 0.66 20.01
N ASN B 124 21.02 0.13 19.62
CA ASN B 124 21.08 -1.23 19.10
C ASN B 124 21.32 -2.26 20.20
N SER B 125 21.64 -1.77 21.40
CA SER B 125 21.76 -2.61 22.59
C SER B 125 20.47 -3.32 22.88
N ASP B 126 20.53 -4.38 23.68
CA ASP B 126 19.37 -5.24 23.88
C ASP B 126 18.28 -4.57 24.69
N LYS B 127 18.66 -3.57 25.47
CA LYS B 127 17.72 -2.92 26.39
C LYS B 127 16.74 -2.06 25.59
N TYR B 128 17.27 -1.44 24.54
CA TYR B 128 16.57 -0.42 23.78
C TYR B 128 16.42 -0.73 22.29
N CYS B 129 16.52 -1.99 21.89
CA CYS B 129 16.41 -2.29 20.46
C CYS B 129 15.02 -2.83 20.13
N THR B 130 14.65 -2.69 18.86
CA THR B 130 13.39 -3.21 18.35
C THR B 130 13.10 -4.63 18.82
N PRO B 131 11.89 -4.87 19.30
CA PRO B 131 11.47 -6.25 19.60
C PRO B 131 11.29 -7.06 18.32
N ARG B 132 11.17 -8.37 18.44
CA ARG B 132 10.93 -9.19 17.28
C ARG B 132 9.47 -8.99 16.90
N TYR B 133 9.18 -9.03 15.61
CA TYR B 133 7.83 -8.88 15.12
C TYR B 133 7.71 -9.46 13.71
N SER B 134 6.49 -9.69 13.25
CA SER B 134 6.29 -10.16 11.88
C SER B 134 5.77 -9.04 10.96
N GLU B 135 4.50 -8.68 11.12
CA GLU B 135 3.89 -7.60 10.33
C GLU B 135 3.89 -6.26 11.11
N PHE B 136 3.60 -5.17 10.40
CA PHE B 136 3.64 -3.85 11.02
C PHE B 136 2.64 -3.75 12.17
N GLU B 137 1.46 -4.33 11.98
CA GLU B 137 0.40 -4.21 12.97
C GLU B 137 0.84 -4.78 14.31
N GLU B 138 1.82 -5.67 14.28
CA GLU B 138 2.31 -6.26 15.52
C GLU B 138 3.25 -5.29 16.24
N LEU B 139 4.16 -4.65 15.49
CA LEU B 139 5.04 -3.66 16.09
C LEU B 139 4.22 -2.45 16.57
N GLU B 140 3.17 -2.11 15.83
CA GLU B 140 2.30 -1.01 16.18
C GLU B 140 1.62 -1.28 17.51
N ARG B 141 1.21 -2.53 17.69
CA ARG B 141 0.59 -2.94 18.95
C ARG B 141 1.58 -2.85 20.11
N LYS B 142 2.84 -3.21 19.87
CA LYS B 142 3.82 -3.21 20.96
C LYS B 142 4.16 -1.78 21.32
N TYR B 143 4.13 -0.89 20.32
CA TYR B 143 4.31 0.52 20.59
C TYR B 143 3.27 1.02 21.59
N TRP B 144 1.99 0.91 21.23
CA TRP B 144 0.93 1.49 22.07
C TRP B 144 0.79 0.73 23.38
N LYS B 145 1.30 -0.48 23.45
CA LYS B 145 1.23 -1.29 24.68
C LYS B 145 2.37 -0.98 25.67
N ASN B 146 3.56 -0.67 25.15
CA ASN B 146 4.73 -0.43 25.98
C ASN B 146 5.23 1.02 25.96
N LEU B 147 4.41 1.91 25.42
CA LEU B 147 4.70 3.34 25.33
C LEU B 147 5.23 3.96 26.62
N THR B 148 4.61 3.60 27.74
CA THR B 148 4.96 4.17 29.03
C THR B 148 6.07 3.39 29.79
N PHE B 149 6.60 2.33 29.18
CA PHE B 149 7.64 1.51 29.82
C PHE B 149 8.99 1.78 29.19
N ASN B 150 10.06 1.52 29.94
N ASN B 150 10.06 1.50 29.94
CA ASN B 150 11.44 1.63 29.43
CA ASN B 150 11.44 1.63 29.46
C ASN B 150 11.68 2.87 28.59
C ASN B 150 11.69 2.86 28.60
N PRO B 151 11.64 4.05 29.20
CA PRO B 151 11.78 5.31 28.43
C PRO B 151 13.02 5.37 27.56
N PRO B 152 12.82 5.59 26.25
CA PRO B 152 13.92 5.70 25.30
C PRO B 152 14.56 7.06 25.34
N ILE B 153 15.66 7.21 24.60
CA ILE B 153 16.34 8.47 24.47
C ILE B 153 16.24 8.84 23.02
N TYR B 154 15.96 10.10 22.73
CA TYR B 154 15.78 10.58 21.37
C TYR B 154 16.84 11.64 21.10
N GLY B 155 17.64 11.43 20.06
CA GLY B 155 18.64 12.42 19.68
C GLY B 155 18.04 13.52 18.81
N ALA B 156 17.21 14.35 19.42
CA ALA B 156 16.39 15.30 18.66
C ALA B 156 17.00 16.69 18.49
N ASP B 157 16.47 17.45 17.54
CA ASP B 157 16.79 18.87 17.38
C ASP B 157 18.27 19.17 17.32
N VAL B 158 19.01 18.38 16.56
CA VAL B 158 20.43 18.61 16.37
C VAL B 158 20.61 19.53 15.17
N ASN B 159 21.13 20.73 15.41
CA ASN B 159 21.39 21.64 14.30
C ASN B 159 22.41 21.00 13.41
N GLY B 160 22.23 21.15 12.10
CA GLY B 160 23.07 20.48 11.13
C GLY B 160 22.32 19.83 9.99
N THR B 161 23.04 19.60 8.90
CA THR B 161 22.52 18.91 7.72
C THR B 161 23.49 17.80 7.32
N LEU B 162 23.00 16.77 6.65
CA LEU B 162 23.86 15.66 6.27
C LEU B 162 24.02 15.63 4.77
N TYR B 163 23.49 16.65 4.11
CA TYR B 163 23.66 16.74 2.68
C TYR B 163 25.10 17.14 2.42
N GLU B 164 25.59 16.81 1.23
CA GLU B 164 26.86 17.35 0.78
C GLU B 164 26.54 18.69 0.12
N LYS B 165 27.49 19.62 0.20
CA LYS B 165 27.26 20.99 -0.24
C LYS B 165 26.86 21.12 -1.70
N HIS B 166 27.10 20.07 -2.48
CA HIS B 166 26.96 20.14 -3.93
C HIS B 166 25.62 19.63 -4.45
N VAL B 167 24.81 19.05 -3.56
CA VAL B 167 23.52 18.50 -3.95
C VAL B 167 22.46 19.59 -4.07
N ASP B 168 21.97 19.79 -5.27
CA ASP B 168 21.13 20.95 -5.57
C ASP B 168 19.63 20.66 -5.62
N GLU B 169 19.24 19.42 -5.35
CA GLU B 169 17.82 19.08 -5.42
C GLU B 169 17.29 18.66 -4.06
N TRP B 170 16.16 19.23 -3.67
CA TRP B 170 15.52 18.91 -2.40
C TRP B 170 16.51 19.01 -1.24
N ASN B 171 17.37 20.02 -1.31
CA ASN B 171 18.31 20.29 -0.23
C ASN B 171 17.58 21.01 0.89
N ILE B 172 17.39 20.27 1.98
CA ILE B 172 16.64 20.73 3.14
C ILE B 172 17.30 21.94 3.76
N GLY B 173 18.62 22.06 3.56
CA GLY B 173 19.38 23.18 4.05
C GLY B 173 19.02 24.48 3.33
N ARG B 174 18.51 24.36 2.11
CA ARG B 174 18.28 25.55 1.29
C ARG B 174 17.21 25.39 0.20
N LEU B 175 16.00 25.00 0.59
CA LEU B 175 14.92 24.75 -0.37
C LEU B 175 14.48 26.03 -1.08
N ARG B 176 14.90 27.16 -0.53
CA ARG B 176 14.61 28.47 -1.13
C ARG B 176 13.14 28.64 -1.51
N THR B 177 12.27 28.57 -0.51
CA THR B 177 10.86 28.91 -0.68
C THR B 177 10.67 30.32 -0.14
N ILE B 178 9.46 30.85 -0.30
CA ILE B 178 9.16 32.17 0.22
C ILE B 178 9.31 32.24 1.75
N LEU B 179 9.52 31.12 2.43
CA LEU B 179 9.77 31.17 3.88
C LEU B 179 11.03 31.97 4.17
N ASP B 180 11.89 32.10 3.16
CA ASP B 180 13.17 32.76 3.34
C ASP B 180 13.06 34.26 3.58
N LEU B 181 11.97 34.88 3.13
CA LEU B 181 11.69 36.28 3.48
C LEU B 181 11.88 36.61 4.96
N VAL B 182 11.85 35.61 5.83
CA VAL B 182 12.10 35.85 7.25
C VAL B 182 13.60 36.10 7.45
N GLU B 183 14.42 35.28 6.80
CA GLU B 183 15.87 35.41 6.90
C GLU B 183 16.34 36.44 5.88
N LYS B 184 15.93 36.24 4.62
CA LYS B 184 16.37 37.06 3.50
C LYS B 184 16.09 38.56 3.69
N GLU B 185 14.83 38.91 3.96
CA GLU B 185 14.41 40.31 4.01
C GLU B 185 14.26 40.86 5.44
N SER B 186 14.35 39.99 6.46
CA SER B 186 14.19 40.44 7.85
C SER B 186 15.37 40.02 8.74
N GLY B 187 16.28 39.21 8.19
CA GLY B 187 17.47 38.81 8.93
C GLY B 187 17.24 37.88 10.10
N ILE B 188 15.99 37.45 10.29
CA ILE B 188 15.62 36.61 11.42
C ILE B 188 15.82 35.11 11.10
N THR B 189 16.67 34.46 11.88
CA THR B 189 16.87 33.03 11.69
C THR B 189 16.26 32.26 12.86
N ILE B 190 15.55 31.19 12.54
CA ILE B 190 14.90 30.38 13.55
C ILE B 190 15.31 28.92 13.37
N GLU B 191 15.79 28.32 14.46
CA GLU B 191 16.36 26.98 14.39
C GLU B 191 15.33 25.88 14.12
N GLY B 192 15.62 25.06 13.11
CA GLY B 192 14.72 24.01 12.70
C GLY B 192 13.54 24.49 11.87
N VAL B 193 13.41 25.81 11.75
CA VAL B 193 12.27 26.38 11.06
C VAL B 193 12.72 26.86 9.68
N ASN B 194 13.65 27.81 9.60
CA ASN B 194 14.27 28.07 8.30
C ASN B 194 15.68 27.46 8.23
N THR B 195 16.11 26.77 9.29
CA THR B 195 17.38 26.04 9.27
C THR B 195 17.12 24.53 9.50
N PRO B 196 18.08 23.65 9.13
CA PRO B 196 17.73 22.23 9.23
C PRO B 196 18.08 21.61 10.56
N TYR B 197 17.41 20.50 10.86
CA TYR B 197 17.58 19.74 12.09
C TYR B 197 17.78 18.25 11.77
N LEU B 198 18.44 17.53 12.66
CA LEU B 198 18.58 16.09 12.52
C LEU B 198 17.94 15.40 13.70
N TYR B 199 17.40 14.22 13.45
CA TYR B 199 16.83 13.43 14.52
C TYR B 199 17.40 12.01 14.50
N PHE B 200 18.07 11.64 15.58
CA PHE B 200 18.57 10.29 15.72
C PHE B 200 17.62 9.55 16.62
N GLY B 201 16.96 8.55 16.07
CA GLY B 201 15.95 7.84 16.82
C GLY B 201 16.40 6.47 17.23
N MET B 202 15.65 5.91 18.16
CA MET B 202 15.75 4.51 18.49
C MET B 202 14.31 4.02 18.59
N TRP B 203 14.16 2.75 18.93
CA TRP B 203 12.87 2.12 18.98
C TRP B 203 12.02 2.83 20.01
N LYS B 204 10.80 3.21 19.59
CA LYS B 204 9.72 3.70 20.45
C LYS B 204 9.90 5.19 20.82
N THR B 205 10.87 5.86 20.20
CA THR B 205 10.92 7.30 20.32
C THR B 205 9.75 7.90 19.49
N SER B 206 9.14 8.95 20.03
CA SER B 206 7.83 9.43 19.60
C SER B 206 7.82 10.87 19.17
N PHE B 207 6.95 11.21 18.22
CA PHE B 207 6.60 12.61 18.07
C PHE B 207 5.09 12.74 18.29
N ALA B 208 4.72 13.72 19.11
CA ALA B 208 3.36 13.89 19.58
C ALA B 208 2.49 14.63 18.55
N TRP B 209 1.17 14.56 18.72
CA TRP B 209 0.23 15.22 17.82
C TRP B 209 0.49 16.70 17.74
N HIS B 210 0.65 17.21 16.52
CA HIS B 210 0.95 18.62 16.34
C HIS B 210 0.80 19.05 14.91
N THR B 211 0.64 20.36 14.70
CA THR B 211 0.88 20.93 13.38
C THR B 211 2.21 21.70 13.50
N GLU B 212 2.79 22.10 12.37
CA GLU B 212 4.04 22.86 12.40
C GLU B 212 3.78 24.21 13.02
N ASP B 213 4.83 24.84 13.52
CA ASP B 213 4.73 26.20 13.97
C ASP B 213 4.17 27.09 12.83
N MET B 214 3.32 28.04 13.20
CA MET B 214 2.64 28.91 12.23
C MET B 214 1.91 28.09 11.20
N ASP B 215 1.55 26.87 11.58
CA ASP B 215 0.99 25.90 10.65
C ASP B 215 1.68 25.90 9.27
N LEU B 216 3.02 25.96 9.28
CA LEU B 216 3.79 25.87 8.06
C LEU B 216 3.76 24.45 7.47
N TYR B 217 4.33 24.29 6.26
CA TYR B 217 4.69 22.97 5.73
C TYR B 217 5.86 22.44 6.51
N SER B 218 6.18 21.17 6.29
CA SER B 218 7.48 20.67 6.69
C SER B 218 7.91 19.55 5.76
N ILE B 219 9.21 19.28 5.76
CA ILE B 219 9.79 18.24 4.93
C ILE B 219 10.68 17.38 5.84
N ASN B 220 10.62 16.07 5.64
CA ASN B 220 11.38 15.14 6.49
C ASN B 220 12.00 14.09 5.60
N TYR B 221 13.31 13.91 5.70
CA TYR B 221 14.02 12.89 4.93
C TYR B 221 14.64 11.88 5.88
N LEU B 222 14.33 10.60 5.69
CA LEU B 222 14.95 9.54 6.48
C LEU B 222 16.27 9.08 5.82
N HIS B 223 17.38 9.71 6.24
CA HIS B 223 18.72 9.45 5.68
C HIS B 223 19.14 7.98 5.64
N PHE B 224 18.95 7.27 6.74
CA PHE B 224 19.32 5.86 6.83
C PHE B 224 18.65 5.23 8.04
N GLY B 225 18.65 3.90 8.08
CA GLY B 225 18.25 3.22 9.30
C GLY B 225 16.86 2.61 9.25
N GLU B 226 16.39 2.17 10.41
CA GLU B 226 15.06 1.64 10.61
C GLU B 226 13.95 2.64 10.23
N PRO B 227 12.73 2.14 10.00
CA PRO B 227 11.65 3.02 9.52
C PRO B 227 11.05 3.95 10.58
N LYS B 228 10.29 4.93 10.08
CA LYS B 228 9.56 5.87 10.91
C LYS B 228 8.09 5.83 10.46
N SER B 229 7.18 5.52 11.38
CA SER B 229 5.76 5.50 11.04
C SER B 229 4.97 6.75 11.48
N TRP B 230 3.98 7.11 10.66
CA TRP B 230 3.25 8.36 10.79
C TRP B 230 1.74 8.13 10.89
N TYR B 231 1.08 8.97 11.69
CA TYR B 231 -0.36 9.06 11.72
C TYR B 231 -0.74 10.45 11.24
N SER B 232 -1.83 10.59 10.52
CA SER B 232 -2.17 11.88 9.95
C SER B 232 -3.66 12.15 10.06
N VAL B 233 -4.02 13.39 10.31
CA VAL B 233 -5.42 13.80 10.29
C VAL B 233 -5.63 14.86 9.23
N PRO B 234 -6.61 14.66 8.34
CA PRO B 234 -6.85 15.65 7.29
C PRO B 234 -7.07 17.03 7.88
N PRO B 235 -6.38 18.05 7.32
CA PRO B 235 -6.61 19.45 7.67
C PRO B 235 -8.10 19.80 7.80
N GLU B 236 -8.98 19.24 6.97
CA GLU B 236 -10.40 19.60 7.12
C GLU B 236 -11.05 19.04 8.37
N HIS B 237 -10.39 18.11 9.06
CA HIS B 237 -10.92 17.58 10.32
C HIS B 237 -10.05 17.96 11.49
N GLY B 238 -9.06 18.80 11.23
CA GLY B 238 -8.18 19.29 12.27
C GLY B 238 -8.88 19.84 13.49
N LYS B 239 -9.93 20.64 13.29
CA LYS B 239 -10.65 21.27 14.40
C LYS B 239 -11.29 20.24 15.31
N ARG B 240 -11.71 19.12 14.73
CA ARG B 240 -12.35 18.06 15.50
C ARG B 240 -11.37 17.37 16.43
N LEU B 241 -10.19 17.04 15.91
CA LEU B 241 -9.11 16.52 16.76
C LEU B 241 -8.87 17.46 17.93
N GLU B 242 -8.86 18.76 17.66
CA GLU B 242 -8.61 19.75 18.72
C GLU B 242 -9.69 19.70 19.81
N ARG B 243 -10.95 19.65 19.41
CA ARG B 243 -12.05 19.62 20.40
C ARG B 243 -11.98 18.33 21.21
N LEU B 244 -11.62 17.24 20.54
CA LEU B 244 -11.40 15.97 21.22
C LEU B 244 -10.33 16.10 22.29
N ALA B 245 -9.19 16.69 21.94
CA ALA B 245 -8.09 16.85 22.87
C ALA B 245 -8.44 17.77 24.05
N LYS B 246 -9.13 18.88 23.76
CA LYS B 246 -9.61 19.78 24.81
C LYS B 246 -10.54 19.07 25.81
N GLY B 247 -11.38 18.17 25.30
CA GLY B 247 -12.22 17.35 26.15
C GLY B 247 -11.42 16.50 27.13
N PHE B 248 -10.39 15.82 26.63
CA PHE B 248 -9.57 14.93 27.47
C PHE B 248 -8.57 15.63 28.39
N PHE B 249 -8.17 16.84 28.03
CA PHE B 249 -7.15 17.56 28.81
C PHE B 249 -7.64 18.96 29.15
N PRO B 250 -8.73 19.07 29.94
CA PRO B 250 -9.37 20.36 30.17
C PRO B 250 -8.49 21.32 30.95
N GLY B 251 -7.63 20.79 31.80
CA GLY B 251 -6.71 21.62 32.55
C GLY B 251 -5.74 22.29 31.61
N SER B 252 -5.11 21.48 30.75
CA SER B 252 -4.18 21.98 29.74
C SER B 252 -4.85 23.04 28.86
N ALA B 253 -6.03 22.70 28.35
CA ALA B 253 -6.78 23.60 27.47
C ALA B 253 -7.07 24.95 28.16
N GLN B 254 -7.43 24.91 29.44
CA GLN B 254 -7.71 26.15 30.17
C GLN B 254 -6.45 27.03 30.35
N SER B 255 -5.26 26.42 30.37
CA SER B 255 -4.04 27.19 30.57
C SER B 255 -3.45 27.75 29.27
N CYS B 256 -3.85 27.18 28.15
CA CYS B 256 -3.24 27.59 26.89
C CYS B 256 -4.20 27.40 25.72
N GLU B 257 -4.29 28.44 24.90
CA GLU B 257 -5.13 28.44 23.71
C GLU B 257 -4.80 27.31 22.74
N ALA B 258 -3.56 26.83 22.80
CA ALA B 258 -3.06 25.88 21.81
C ALA B 258 -2.03 24.93 22.42
N PHE B 259 -2.47 24.14 23.38
CA PHE B 259 -1.57 23.34 24.18
C PHE B 259 -0.98 22.16 23.36
N LEU B 260 -1.62 21.76 22.26
CA LEU B 260 -1.05 20.69 21.43
C LEU B 260 0.29 21.12 20.86
N ARG B 261 0.52 22.44 20.79
CA ARG B 261 1.78 22.99 20.28
C ARG B 261 2.94 22.73 21.25
N HIS B 262 2.61 22.35 22.48
CA HIS B 262 3.62 21.88 23.43
C HIS B 262 4.27 20.56 22.98
N LYS B 263 3.60 19.82 22.09
CA LYS B 263 4.12 18.57 21.54
C LYS B 263 4.37 17.55 22.61
N MET B 264 3.40 17.44 23.50
CA MET B 264 3.49 16.56 24.64
C MET B 264 2.32 15.60 24.68
N THR B 265 1.46 15.68 23.67
CA THR B 265 0.21 14.92 23.75
C THR B 265 0.18 13.76 22.76
N LEU B 266 -0.02 12.58 23.31
CA LEU B 266 -0.08 11.32 22.56
C LEU B 266 -1.46 10.71 22.67
N ILE B 267 -1.98 10.25 21.55
CA ILE B 267 -3.32 9.72 21.45
C ILE B 267 -3.32 8.55 20.48
N SER B 268 -3.86 7.42 20.91
CA SER B 268 -3.76 6.19 20.10
C SER B 268 -4.78 6.23 18.96
N PRO B 269 -4.51 5.46 17.89
CA PRO B 269 -5.44 5.41 16.77
C PRO B 269 -6.78 4.83 17.19
N LEU B 270 -6.79 3.96 18.18
CA LEU B 270 -8.04 3.36 18.64
C LEU B 270 -8.92 4.43 19.26
N MET B 271 -8.31 5.41 19.90
CA MET B 271 -9.07 6.49 20.51
C MET B 271 -9.61 7.42 19.41
N LEU B 272 -8.81 7.65 18.36
CA LEU B 272 -9.31 8.42 17.22
C LEU B 272 -10.50 7.72 16.59
N LYS B 273 -10.43 6.40 16.47
CA LYS B 273 -11.49 5.66 15.81
C LYS B 273 -12.76 5.74 16.66
N LYS B 274 -12.62 5.41 17.94
CA LYS B 274 -13.73 5.47 18.88
C LYS B 274 -14.49 6.81 18.86
N TYR B 275 -13.78 7.91 18.62
CA TYR B 275 -14.44 9.22 18.65
C TYR B 275 -14.69 9.78 17.24
N GLY B 276 -14.53 8.95 16.22
CA GLY B 276 -14.86 9.32 14.87
C GLY B 276 -13.96 10.38 14.24
N ILE B 277 -12.71 10.48 14.66
CA ILE B 277 -11.78 11.35 13.94
C ILE B 277 -11.18 10.54 12.79
N PRO B 278 -11.36 11.00 11.54
CA PRO B 278 -10.71 10.31 10.42
C PRO B 278 -9.20 10.46 10.52
N PHE B 279 -8.49 9.45 10.07
CA PHE B 279 -7.04 9.52 10.09
C PHE B 279 -6.52 8.50 9.12
N ASP B 280 -5.28 8.64 8.71
CA ASP B 280 -4.65 7.63 7.90
C ASP B 280 -3.29 7.30 8.53
N LYS B 281 -2.62 6.26 8.04
CA LYS B 281 -1.26 5.96 8.51
C LYS B 281 -0.34 5.54 7.36
N VAL B 282 0.96 5.72 7.58
CA VAL B 282 1.94 5.43 6.53
C VAL B 282 3.31 5.19 7.18
N THR B 283 4.10 4.31 6.59
CA THR B 283 5.43 4.05 7.10
C THR B 283 6.47 4.55 6.11
N GLN B 284 7.34 5.43 6.59
CA GLN B 284 8.40 6.04 5.80
C GLN B 284 9.65 5.17 5.90
N GLU B 285 10.32 4.93 4.78
CA GLU B 285 11.54 4.12 4.82
C GLU B 285 12.77 4.90 4.40
N ALA B 286 13.94 4.36 4.73
CA ALA B 286 15.19 5.03 4.40
C ALA B 286 15.22 5.46 2.93
N GLY B 287 15.52 6.72 2.69
CA GLY B 287 15.62 7.22 1.33
C GLY B 287 14.34 7.91 0.90
N GLU B 288 13.35 7.95 1.78
CA GLU B 288 12.05 8.51 1.41
C GLU B 288 11.75 9.84 2.08
N PHE B 289 11.02 10.69 1.36
CA PHE B 289 10.57 11.98 1.88
C PHE B 289 9.14 11.95 2.39
N MET B 290 8.88 12.64 3.49
CA MET B 290 7.53 12.91 3.94
C MET B 290 7.29 14.41 3.95
N ILE B 291 6.19 14.82 3.35
CA ILE B 291 5.78 16.21 3.31
C ILE B 291 4.56 16.39 4.19
N THR B 292 4.62 17.41 5.03
CA THR B 292 3.56 17.77 5.94
C THR B 292 2.91 19.05 5.45
N PHE B 293 1.59 19.13 5.48
CA PHE B 293 0.88 20.28 4.91
C PHE B 293 0.32 21.20 5.98
N PRO B 294 0.07 22.46 5.62
CA PRO B 294 -0.45 23.41 6.61
C PRO B 294 -1.67 22.86 7.34
N TYR B 295 -1.64 22.95 8.65
CA TYR B 295 -2.73 22.47 9.53
C TYR B 295 -2.97 20.98 9.36
N GLY B 296 -1.92 20.25 8.98
CA GLY B 296 -1.99 18.81 8.97
C GLY B 296 -1.47 18.31 10.31
N TYR B 297 -2.35 17.79 11.15
CA TYR B 297 -1.93 17.18 12.41
C TYR B 297 -1.26 15.84 12.15
N HIS B 298 -0.16 15.59 12.83
CA HIS B 298 0.50 14.30 12.67
C HIS B 298 1.24 13.92 13.92
N ALA B 299 1.54 12.63 14.01
CA ALA B 299 2.22 12.01 15.15
C ALA B 299 2.85 10.71 14.64
N GLY B 300 3.70 10.08 15.45
CA GLY B 300 4.26 8.81 15.06
C GLY B 300 5.37 8.30 15.94
N PHE B 301 6.15 7.36 15.42
CA PHE B 301 7.27 6.79 16.18
C PHE B 301 8.33 6.12 15.29
N ASN B 302 9.52 5.92 15.86
CA ASN B 302 10.63 5.31 15.14
C ASN B 302 10.69 3.80 15.43
N HIS B 303 11.03 3.00 14.41
CA HIS B 303 11.05 1.54 14.57
C HIS B 303 12.32 1.05 15.24
N GLY B 304 13.43 1.74 14.99
CA GLY B 304 14.70 1.36 15.57
C GLY B 304 15.70 2.46 15.28
N PHE B 305 16.99 2.14 15.31
CA PHE B 305 18.01 3.17 15.13
C PHE B 305 17.89 3.78 13.75
N ASN B 306 17.79 5.12 13.69
CA ASN B 306 17.73 5.82 12.41
C ASN B 306 18.10 7.28 12.52
N CYS B 307 18.19 7.96 11.37
CA CYS B 307 18.47 9.38 11.37
C CYS B 307 17.70 10.11 10.27
N ALA B 308 17.11 11.24 10.65
CA ALA B 308 16.26 12.00 9.74
C ALA B 308 16.59 13.46 9.78
N GLU B 309 16.36 14.12 8.66
CA GLU B 309 16.62 15.53 8.54
C GLU B 309 15.32 16.22 8.18
N SER B 310 15.10 17.38 8.79
CA SER B 310 13.80 18.04 8.74
C SER B 310 13.94 19.55 8.88
N THR B 311 13.07 20.29 8.19
CA THR B 311 12.94 21.74 8.34
C THR B 311 11.55 22.15 7.89
N ASN B 312 11.20 23.43 8.02
CA ASN B 312 9.90 23.92 7.57
C ASN B 312 10.05 24.65 6.24
N PHE B 313 8.93 24.87 5.56
CA PHE B 313 8.93 25.66 4.33
C PHE B 313 7.53 26.17 4.05
N ALA B 314 7.41 27.08 3.09
CA ALA B 314 6.13 27.71 2.82
C ALA B 314 5.85 27.75 1.33
N THR B 315 4.58 27.94 0.98
CA THR B 315 4.17 28.28 -0.38
C THR B 315 3.23 29.47 -0.24
N ARG B 316 2.71 29.96 -1.36
CA ARG B 316 1.76 31.07 -1.33
C ARG B 316 0.49 30.68 -0.60
N ARG B 317 0.11 29.41 -0.70
CA ARG B 317 -1.12 28.93 -0.08
C ARG B 317 -1.04 29.00 1.44
N TRP B 318 0.17 28.80 1.97
CA TRP B 318 0.37 28.83 3.41
C TRP B 318 0.05 30.18 4.04
N ILE B 319 0.22 31.28 3.30
CA ILE B 319 0.13 32.62 3.91
C ILE B 319 -1.13 32.84 4.75
N GLU B 320 -2.26 32.47 4.18
CA GLU B 320 -3.54 32.58 4.87
C GLU B 320 -3.57 31.70 6.14
N TYR B 321 -3.03 30.49 6.05
CA TYR B 321 -2.88 29.65 7.25
C TYR B 321 -2.05 30.38 8.31
N GLY B 322 -0.95 30.97 7.88
CA GLY B 322 -0.08 31.73 8.76
C GLY B 322 -0.82 32.87 9.45
N LYS B 323 -1.67 33.55 8.69
CA LYS B 323 -2.40 34.70 9.21
C LYS B 323 -3.35 34.29 10.34
N GLN B 324 -3.90 33.09 10.21
CA GLN B 324 -4.95 32.61 11.13
C GLN B 324 -4.49 31.61 12.20
N ALA B 325 -3.22 31.24 12.19
CA ALA B 325 -2.73 30.22 13.12
C ALA B 325 -2.97 30.61 14.58
N VAL B 326 -3.47 29.68 15.39
CA VAL B 326 -3.62 29.93 16.81
C VAL B 326 -2.36 29.49 17.56
N LEU B 327 -1.76 30.41 18.32
CA LEU B 327 -0.45 30.17 18.90
C LEU B 327 -0.48 29.93 20.40
N CYS B 328 0.60 29.33 20.91
CA CYS B 328 0.79 29.07 22.33
C CYS B 328 0.85 30.39 23.10
N SER B 329 -0.02 30.51 24.11
CA SER B 329 -0.14 31.75 24.89
C SER B 329 0.52 31.68 26.27
N CYS B 330 1.16 30.55 26.58
CA CYS B 330 1.69 30.35 27.93
C CYS B 330 3.21 30.34 27.99
N ARG B 331 3.87 30.42 26.84
CA ARG B 331 5.32 30.43 26.80
C ARG B 331 5.89 31.56 25.96
N LYS B 332 7.06 32.04 26.36
CA LYS B 332 7.69 33.19 25.73
C LYS B 332 8.49 32.81 24.49
N ASP B 333 9.22 31.71 24.58
CA ASP B 333 10.18 31.34 23.53
C ASP B 333 9.56 30.67 22.30
N MET B 334 8.24 30.49 22.32
CA MET B 334 7.52 29.80 21.25
C MET B 334 7.63 30.58 19.93
N VAL B 335 7.61 29.88 18.80
CA VAL B 335 7.84 30.52 17.49
C VAL B 335 6.67 31.35 16.98
N LYS B 336 6.91 32.66 16.84
CA LYS B 336 5.95 33.58 16.25
C LYS B 336 6.61 34.33 15.10
N ILE B 337 6.05 34.16 13.90
CA ILE B 337 6.58 34.80 12.70
C ILE B 337 5.67 35.97 12.34
N SER B 338 6.26 37.11 12.00
CA SER B 338 5.47 38.26 11.57
C SER B 338 4.98 38.06 10.14
N MET B 339 3.66 38.07 9.96
CA MET B 339 3.04 37.78 8.66
C MET B 339 3.02 39.00 7.72
N ASP B 340 3.45 40.13 8.24
CA ASP B 340 3.31 41.42 7.58
C ASP B 340 4.03 41.47 6.21
N VAL B 341 5.31 41.10 6.19
CA VAL B 341 6.04 41.02 4.93
C VAL B 341 5.31 40.16 3.89
N PHE B 342 4.62 39.12 4.34
CA PHE B 342 3.96 38.18 3.43
C PHE B 342 2.67 38.76 2.86
N VAL B 343 1.90 39.41 3.72
CA VAL B 343 0.66 40.04 3.32
C VAL B 343 0.96 41.21 2.40
N ARG B 344 1.93 42.03 2.80
CA ARG B 344 2.36 43.18 2.01
C ARG B 344 2.80 42.82 0.60
N LYS B 345 3.59 41.77 0.46
CA LYS B 345 4.11 41.38 -0.83
C LYS B 345 3.12 40.56 -1.66
N PHE B 346 2.43 39.60 -1.04
CA PHE B 346 1.62 38.66 -1.81
C PHE B 346 0.13 38.92 -1.78
N GLN B 347 -0.33 39.76 -0.86
CA GLN B 347 -1.73 40.16 -0.82
C GLN B 347 -1.91 41.68 -0.73
N PRO B 348 -1.27 42.44 -1.65
CA PRO B 348 -1.30 43.91 -1.54
C PRO B 348 -2.71 44.46 -1.41
N GLU B 349 -3.67 43.80 -2.02
CA GLU B 349 -5.02 44.36 -2.09
C GLU B 349 -5.77 44.10 -0.81
N ARG B 350 -5.21 43.26 0.06
CA ARG B 350 -5.84 42.89 1.34
C ARG B 350 -5.15 43.50 2.55
N TYR B 351 -3.98 44.09 2.33
CA TYR B 351 -3.08 44.50 3.42
C TYR B 351 -3.66 45.58 4.34
N LYS B 352 -4.23 46.62 3.75
CA LYS B 352 -4.79 47.71 4.53
C LYS B 352 -5.84 47.16 5.50
N LEU B 353 -6.71 46.33 4.95
CA LEU B 353 -7.78 45.67 5.67
C LEU B 353 -7.24 44.76 6.78
N TRP B 354 -6.29 43.90 6.40
CA TRP B 354 -5.66 42.98 7.34
C TRP B 354 -5.11 43.71 8.56
N LYS B 355 -4.32 44.75 8.31
CA LYS B 355 -3.73 45.58 9.35
C LYS B 355 -4.77 46.15 10.30
N ALA B 356 -5.97 46.38 9.78
CA ALA B 356 -7.05 46.88 10.61
C ALA B 356 -7.67 45.76 11.46
N GLY B 357 -7.27 44.52 11.17
CA GLY B 357 -7.90 43.37 11.80
C GLY B 357 -9.33 43.24 11.33
N LYS B 358 -9.57 43.54 10.06
CA LYS B 358 -10.88 43.40 9.46
C LYS B 358 -10.83 42.46 8.26
N ASP B 359 -9.71 41.76 8.08
CA ASP B 359 -9.60 40.72 7.06
C ASP B 359 -10.27 39.44 7.56
N ASN B 360 -11.34 39.04 6.88
CA ASN B 360 -12.10 37.86 7.26
C ASN B 360 -12.14 36.81 6.16
N THR B 361 -10.98 36.52 5.57
CA THR B 361 -10.88 35.40 4.65
C THR B 361 -11.17 34.10 5.40
N VAL B 362 -11.86 33.18 4.73
CA VAL B 362 -12.19 31.87 5.27
C VAL B 362 -11.43 30.79 4.50
N ILE B 363 -10.64 29.96 5.17
CA ILE B 363 -9.81 28.98 4.47
C ILE B 363 -10.57 27.73 4.01
N ASP B 364 -10.36 27.37 2.75
CA ASP B 364 -10.88 26.13 2.18
C ASP B 364 -9.71 25.15 2.02
N HIS B 365 -9.65 24.21 2.95
CA HIS B 365 -8.55 23.25 3.03
C HIS B 365 -8.43 22.34 1.81
N THR B 366 -9.43 22.34 0.94
CA THR B 366 -9.44 21.43 -0.20
C THR B 366 -8.71 22.00 -1.43
N LEU B 367 -8.64 23.33 -1.53
CA LEU B 367 -8.01 24.01 -2.66
C LEU B 367 -6.48 23.94 -2.67
N PRO B 368 -5.89 23.63 -3.83
CA PRO B 368 -4.43 23.64 -3.94
C PRO B 368 -3.88 25.06 -4.04
N THR B 369 -2.56 25.19 -3.86
CA THR B 369 -1.89 26.48 -3.96
C THR B 369 -2.10 27.07 -5.36
N PRO B 370 -2.18 28.40 -5.47
CA PRO B 370 -2.34 29.06 -6.78
C PRO B 370 -1.20 28.77 -7.79
N GLU B 371 -0.04 28.33 -7.29
CA GLU B 371 1.07 27.94 -8.16
C GLU B 371 0.78 26.69 -9.00
N ALA B 372 -0.35 26.04 -8.70
CA ALA B 372 -0.72 24.76 -9.33
C ALA B 372 -1.69 24.92 -10.51
N ALA B 373 -2.03 26.16 -10.84
CA ALA B 373 -2.92 26.45 -11.96
C ALA B 373 -2.38 25.84 -13.26
N GLU B 374 -1.05 25.86 -13.38
CA GLU B 374 -0.34 25.21 -14.48
C GLU B 374 -0.82 23.78 -14.72
N PHE B 375 -1.10 23.06 -13.63
CA PHE B 375 -1.56 21.68 -13.69
C PHE B 375 -3.08 21.55 -13.61
MN MN C . -8.14 -15.89 -10.54
ZN ZN D . -21.90 -9.59 -3.21
C1 EDO E . -25.82 -11.56 -30.65
O1 EDO E . -24.41 -11.32 -30.55
C2 EDO E . -26.47 -11.43 -29.28
O2 EDO E . -27.88 -11.26 -29.47
C1 EDO F . -18.86 -25.04 7.21
O1 EDO F . -18.53 -24.39 5.97
C2 EDO F . -20.37 -25.16 7.40
O2 EDO F . -20.84 -26.31 6.69
C1 EDO G . -10.66 -20.42 -12.76
O1 EDO G . -11.15 -21.63 -13.39
C2 EDO G . -11.31 -20.25 -11.39
O2 EDO G . -12.73 -20.07 -11.58
C1 EDO H . -13.68 -6.80 -0.31
O1 EDO H . -14.21 -7.62 -1.38
C2 EDO H . -14.50 -5.53 -0.11
O2 EDO H . -15.85 -5.83 0.30
C1 EDO I . -3.05 -29.04 8.79
O1 EDO I . -3.23 -30.41 8.38
C2 EDO I . -4.41 -28.38 8.97
O2 EDO I . -4.23 -26.97 9.21
S SO4 J . -19.95 2.91 -5.72
O1 SO4 J . -19.21 3.41 -6.89
O2 SO4 J . -19.34 1.67 -5.23
O3 SO4 J . -19.91 3.88 -4.61
O4 SO4 J . -21.34 2.62 -6.08
N1 VAO K . -15.00 -13.61 -13.52
C VAO K . -14.16 -14.26 -13.04
C1 VAO K . -13.09 -15.03 -12.51
C6 VAO K . -11.81 -14.87 -13.10
C5 VAO K . -10.74 -15.62 -12.65
C4 VAO K . -10.93 -16.54 -11.55
O2 VAO K . -9.81 -17.19 -11.08
C3 VAO K . -12.21 -16.71 -10.97
C2 VAO K . -13.30 -15.95 -11.46
C7 VAO K . -9.47 -15.50 -13.40
N VAO K . -8.30 -15.43 -12.70
C11 VAO K . -7.14 -15.36 -13.40
C10 VAO K . -7.07 -15.34 -14.80
C9 VAO K . -8.30 -15.37 -15.47
C8 VAO K . -9.51 -15.47 -14.79
C12 VAO K . -8.35 -15.25 -16.93
O1 VAO K . -7.45 -15.53 -17.69
O VAO K . -9.50 -14.75 -17.46
MN MN L . 6.02 17.84 12.47
ZN ZN M . 1.18 27.06 25.53
C1 EDO N . 11.80 20.25 12.49
O1 EDO N . 11.04 19.02 12.42
C2 EDO N . 10.80 21.40 12.46
O2 EDO N . 9.85 21.08 11.43
C1 EDO O . 8.94 -3.25 24.15
O1 EDO O . 9.24 -3.05 22.76
C2 EDO O . 9.30 -1.98 24.90
O2 EDO O . 9.36 -2.21 26.33
S SO4 P . -5.34 18.07 32.44
O1 SO4 P . -4.99 18.71 31.16
O2 SO4 P . -5.39 16.63 32.27
O3 SO4 P . -4.34 18.44 33.45
O4 SO4 P . -6.65 18.55 32.87
N1 VAO Q . 8.76 18.21 19.47
C VAO Q . 8.66 18.43 18.34
C1 VAO Q . 8.53 18.62 16.93
C6 VAO Q . 8.41 17.50 16.14
C5 VAO Q . 8.17 17.61 14.79
C4 VAO Q . 8.00 18.90 14.22
O2 VAO Q . 7.65 18.97 12.93
C3 VAO Q . 8.14 20.05 15.02
C2 VAO Q . 8.42 19.91 16.37
C7 VAO Q . 8.25 16.36 14.04
N VAO Q . 7.37 16.16 13.01
C11 VAO Q . 7.48 15.00 12.35
C10 VAO Q . 8.43 14.00 12.66
C9 VAO Q . 9.30 14.24 13.72
C8 VAO Q . 9.23 15.42 14.42
C12 VAO Q . 10.32 13.26 14.12
O1 VAO Q . 10.64 13.05 15.28
O VAO Q . 10.96 12.55 13.15
#